data_1RUS
#
_entry.id   1RUS
#
_cell.length_a   65.500
_cell.length_b   70.600
_cell.length_c   104.100
_cell.angle_alpha   90.00
_cell.angle_beta   92.10
_cell.angle_gamma   90.00
#
_symmetry.space_group_name_H-M   'P 1 21 1'
#
loop_
_entity.id
_entity.type
_entity.pdbx_description
1 polymer 'RUBISCO (RIBULOSE-1,5-BISPHOSPHATE CARBOXYLASE(SLASH)OXYGENASE)'
2 non-polymer '3-PHOSPHOGLYCERIC ACID'
#
_entity_poly.entity_id   1
_entity_poly.type   'polypeptide(L)'
_entity_poly.pdbx_seq_one_letter_code
;TMITNSPDRWGYSAPHRTSRESPPMDQSSRYVNLALKEEDLIAGGEHVLCAYIMKPKAGYGYVATAAHFAAESSTGTNVE
VCTTDDFTRGVDALVYEVDEARELTKIAYPVALFDRNITDGKAMIASFLTLTMGNNQGMGDVEYAKMHDFYVPEAYRALF
DGPSVNISALWKVLGRPEVDGGLVVGTIIKPKLGLRPKPFAEACHAFWLGGDFIKNDEPQGNQPFAPLRDTIALVADAMR
RAQDETGEAKLFSANITADDPFEIIARGEYVLETFGENASHVALLVDGYVAGAAAITTARRRFPDNFLHYHRAGHGAVTS
PQSKRGYTAFVHCKMARLQGASGIHTGTMGFGKMEGESSDRAIAYMLTQDEAQGPFYRQSWGGMKACTPIISGGMNALRM
PGFFENLGNANVILTAGGGAFGHIDGPVAGARSLRQAWQAWRDGVPVLDYAREHKELARAFESFPGDADQIYPGWRKALG
VEDTRSALPA
;
_entity_poly.pdbx_strand_id   A,B
#
# COMPACT_ATOMS: atom_id res chain seq x y z
N GLN A 27 -21.50 21.72 1.66
CA GLN A 27 -22.33 20.58 2.06
C GLN A 27 -23.69 20.61 1.31
N SER A 28 -24.46 19.68 1.80
CA SER A 28 -25.81 19.24 1.38
C SER A 28 -26.11 19.73 -0.02
N SER A 29 -26.71 20.86 -0.28
CA SER A 29 -26.96 21.35 -1.63
C SER A 29 -25.73 21.43 -2.51
N ARG A 30 -24.53 21.52 -1.98
CA ARG A 30 -23.31 21.57 -2.76
C ARG A 30 -22.89 20.21 -3.26
N TYR A 31 -22.63 19.24 -2.44
CA TYR A 31 -22.21 17.94 -2.93
C TYR A 31 -23.19 16.82 -3.08
N VAL A 32 -24.46 17.06 -3.18
CA VAL A 32 -25.54 16.10 -3.32
C VAL A 32 -26.45 16.47 -4.49
N ASN A 33 -26.56 15.69 -5.55
CA ASN A 33 -27.45 16.04 -6.69
C ASN A 33 -28.28 14.81 -7.09
N LEU A 34 -29.15 14.36 -6.22
CA LEU A 34 -29.98 13.19 -6.34
C LEU A 34 -30.91 13.17 -7.53
N ALA A 35 -30.94 14.08 -8.44
CA ALA A 35 -31.84 14.10 -9.59
C ALA A 35 -31.08 13.75 -10.87
N LEU A 36 -29.89 13.31 -10.63
CA LEU A 36 -28.93 12.91 -11.64
C LEU A 36 -29.17 11.46 -12.01
N LYS A 37 -29.30 11.28 -13.30
CA LYS A 37 -29.50 9.94 -13.85
C LYS A 37 -28.14 9.26 -13.93
N GLU A 38 -27.78 8.19 -13.31
CA GLU A 38 -26.47 7.55 -13.49
C GLU A 38 -26.11 7.31 -14.96
N GLU A 39 -27.06 7.15 -15.83
CA GLU A 39 -26.98 6.93 -17.27
C GLU A 39 -26.45 8.09 -18.12
N ASP A 40 -26.68 9.27 -17.60
CA ASP A 40 -26.31 10.54 -18.22
C ASP A 40 -24.83 10.74 -18.00
N LEU A 41 -24.53 10.45 -16.74
CA LEU A 41 -23.17 10.56 -16.19
C LEU A 41 -22.26 9.62 -16.96
N ILE A 42 -22.73 8.40 -17.14
CA ILE A 42 -21.95 7.39 -17.88
C ILE A 42 -21.68 7.79 -19.33
N ALA A 43 -22.67 8.31 -19.98
CA ALA A 43 -22.87 8.83 -21.30
C ALA A 43 -22.22 10.20 -21.46
N GLY A 44 -22.05 10.89 -20.35
CA GLY A 44 -21.43 12.23 -20.37
C GLY A 44 -19.99 11.88 -20.68
N GLY A 45 -19.44 11.06 -19.81
CA GLY A 45 -18.05 10.61 -19.95
C GLY A 45 -17.05 11.56 -19.34
N GLU A 46 -17.55 12.32 -18.40
CA GLU A 46 -16.70 13.31 -17.75
C GLU A 46 -16.59 12.97 -16.28
N HIS A 47 -17.27 11.95 -15.84
CA HIS A 47 -17.23 11.54 -14.44
C HIS A 47 -16.82 10.12 -14.16
N VAL A 48 -16.06 9.85 -13.15
CA VAL A 48 -15.58 8.55 -12.65
C VAL A 48 -16.67 8.21 -11.67
N LEU A 49 -17.31 7.15 -11.39
CA LEU A 49 -18.40 7.03 -10.43
C LEU A 49 -17.88 5.99 -9.47
N CYS A 50 -18.17 6.09 -8.20
CA CYS A 50 -17.72 5.14 -7.17
C CYS A 50 -18.91 4.73 -6.33
N ALA A 51 -18.91 3.48 -5.90
CA ALA A 51 -19.95 2.88 -5.07
C ALA A 51 -19.31 2.44 -3.75
N TYR A 52 -19.87 2.90 -2.65
CA TYR A 52 -19.34 2.57 -1.34
C TYR A 52 -20.51 2.17 -0.45
N ILE A 53 -20.22 1.44 0.58
CA ILE A 53 -21.00 0.87 1.67
C ILE A 53 -20.36 1.35 2.96
N MET A 54 -20.71 2.60 3.23
CA MET A 54 -20.35 3.48 4.33
C MET A 54 -21.56 3.66 5.27
N LYS A 55 -21.29 3.76 6.56
CA LYS A 55 -22.27 3.96 7.60
C LYS A 55 -21.85 5.20 8.40
N PRO A 56 -22.83 6.08 8.47
CA PRO A 56 -22.62 7.33 9.21
C PRO A 56 -22.63 6.91 10.67
N LYS A 57 -21.68 7.53 11.35
CA LYS A 57 -21.49 7.33 12.78
C LYS A 57 -22.87 7.55 13.40
N ALA A 58 -22.90 7.04 14.62
CA ALA A 58 -24.07 7.06 15.51
C ALA A 58 -24.74 8.44 15.62
N GLY A 59 -25.86 8.44 14.89
CA GLY A 59 -26.73 9.56 14.82
C GLY A 59 -26.73 10.56 13.71
N TYR A 60 -25.64 10.66 13.02
CA TYR A 60 -25.42 11.62 11.93
C TYR A 60 -26.32 11.50 10.74
N GLY A 61 -26.80 12.58 10.15
CA GLY A 61 -27.70 12.56 8.95
C GLY A 61 -27.14 11.64 7.87
N TYR A 62 -27.96 10.96 7.09
CA TYR A 62 -27.48 10.03 6.06
C TYR A 62 -27.02 10.84 4.86
N VAL A 63 -27.85 11.65 4.29
CA VAL A 63 -27.37 12.45 3.14
C VAL A 63 -26.44 13.57 3.64
N ALA A 64 -26.46 13.92 4.91
CA ALA A 64 -25.53 14.99 5.31
C ALA A 64 -24.16 14.32 5.28
N THR A 65 -23.94 13.20 5.92
CA THR A 65 -22.61 12.60 5.93
C THR A 65 -22.02 12.37 4.58
N ALA A 66 -22.79 11.85 3.67
CA ALA A 66 -22.38 11.57 2.30
C ALA A 66 -22.07 12.82 1.53
N ALA A 67 -22.43 14.00 1.99
CA ALA A 67 -22.15 15.32 1.35
C ALA A 67 -20.72 15.65 1.83
N HIS A 68 -20.56 15.25 3.09
CA HIS A 68 -19.33 15.42 3.86
C HIS A 68 -18.26 14.47 3.39
N PHE A 69 -18.66 13.25 3.09
CA PHE A 69 -17.63 12.28 2.64
C PHE A 69 -17.26 12.61 1.21
N ALA A 70 -18.15 13.20 0.47
CA ALA A 70 -17.96 13.61 -0.91
C ALA A 70 -17.02 14.82 -0.92
N ALA A 71 -17.31 15.79 -0.08
CA ALA A 71 -16.55 17.03 0.06
C ALA A 71 -15.10 16.83 0.49
N GLU A 72 -14.87 15.94 1.43
CA GLU A 72 -13.51 15.65 1.90
C GLU A 72 -12.68 15.00 0.82
N SER A 73 -13.32 14.22 -0.02
CA SER A 73 -12.87 13.49 -1.20
C SER A 73 -12.56 14.45 -2.37
N SER A 74 -13.36 15.45 -2.49
CA SER A 74 -13.41 16.54 -3.42
C SER A 74 -12.63 17.81 -3.18
N THR A 75 -13.31 18.90 -2.84
CA THR A 75 -12.72 20.20 -2.61
C THR A 75 -12.69 20.75 -1.20
N GLY A 76 -13.01 20.19 -0.06
CA GLY A 76 -12.93 20.89 1.22
C GLY A 76 -13.68 22.23 1.20
N THR A 77 -12.93 23.29 1.35
CA THR A 77 -12.98 24.74 1.44
C THR A 77 -11.75 25.12 2.33
N THR A 88 -16.95 24.51 -8.08
CA THR A 88 -18.22 23.83 -8.20
C THR A 88 -18.38 23.69 -9.71
N ARG A 89 -17.29 24.11 -10.38
CA ARG A 89 -17.14 24.13 -11.84
C ARG A 89 -16.93 22.68 -12.38
N GLY A 90 -17.64 21.76 -11.80
CA GLY A 90 -17.44 20.37 -12.12
C GLY A 90 -16.11 20.12 -11.42
N VAL A 91 -15.94 20.51 -10.19
CA VAL A 91 -14.65 20.21 -9.52
C VAL A 91 -15.19 19.49 -8.28
N ASP A 92 -16.46 19.73 -8.09
CA ASP A 92 -17.28 19.19 -7.02
C ASP A 92 -17.59 17.71 -7.29
N ALA A 93 -17.52 16.87 -6.30
CA ALA A 93 -17.82 15.46 -6.32
C ALA A 93 -19.25 15.33 -5.81
N LEU A 94 -20.17 15.13 -6.73
CA LEU A 94 -21.59 15.05 -6.42
C LEU A 94 -21.95 13.66 -5.95
N VAL A 95 -23.01 13.52 -5.22
CA VAL A 95 -23.62 12.34 -4.67
C VAL A 95 -24.90 12.29 -5.52
N TYR A 96 -24.86 11.42 -6.48
CA TYR A 96 -25.94 11.22 -7.45
C TYR A 96 -26.92 10.16 -6.92
N GLU A 97 -26.67 9.44 -5.85
CA GLU A 97 -27.50 8.41 -5.23
C GLU A 97 -26.99 7.91 -3.88
N VAL A 98 -27.97 7.62 -3.08
CA VAL A 98 -27.93 7.14 -1.71
C VAL A 98 -29.12 6.19 -1.57
N ASP A 99 -28.85 5.24 -0.72
CA ASP A 99 -29.85 4.22 -0.43
C ASP A 99 -29.64 4.00 1.07
N GLU A 100 -30.13 4.93 1.77
CA GLU A 100 -30.12 5.03 3.23
C GLU A 100 -30.09 3.65 3.87
N ALA A 101 -30.96 2.69 3.56
CA ALA A 101 -31.16 1.32 4.03
C ALA A 101 -30.04 0.30 3.88
N ARG A 102 -29.67 0.16 2.61
CA ARG A 102 -28.60 -0.67 2.11
C ARG A 102 -27.28 0.02 2.43
N GLU A 103 -27.26 1.29 2.80
CA GLU A 103 -26.07 2.05 3.15
C GLU A 103 -25.23 2.30 1.90
N LEU A 104 -25.92 2.53 0.80
CA LEU A 104 -25.32 2.74 -0.51
C LEU A 104 -25.25 4.15 -1.07
N THR A 105 -24.06 4.64 -1.19
CA THR A 105 -23.65 5.93 -1.64
C THR A 105 -22.86 5.77 -2.94
N LYS A 106 -23.23 6.51 -3.92
CA LYS A 106 -22.61 6.58 -5.22
C LYS A 106 -22.21 8.05 -5.39
N ILE A 107 -21.00 8.29 -5.77
CA ILE A 107 -20.44 9.61 -5.97
C ILE A 107 -19.81 9.73 -7.34
N ALA A 108 -19.97 10.78 -8.06
CA ALA A 108 -19.44 11.10 -9.38
C ALA A 108 -18.41 12.20 -9.10
N TYR A 109 -17.18 11.99 -9.52
CA TYR A 109 -15.91 12.66 -9.49
C TYR A 109 -15.52 13.02 -10.92
N PRO A 110 -15.56 14.31 -11.20
CA PRO A 110 -15.22 14.79 -12.53
C PRO A 110 -13.87 14.22 -12.86
N VAL A 111 -13.55 14.02 -14.13
CA VAL A 111 -12.23 13.50 -14.45
C VAL A 111 -11.16 14.57 -14.27
N ALA A 112 -11.41 15.84 -14.21
CA ALA A 112 -10.34 16.86 -14.09
C ALA A 112 -9.64 16.92 -12.75
N LEU A 113 -10.23 16.35 -11.75
CA LEU A 113 -9.78 16.22 -10.39
C LEU A 113 -8.48 15.42 -10.30
N PHE A 114 -8.37 14.35 -10.98
CA PHE A 114 -7.34 13.34 -11.11
C PHE A 114 -6.03 13.81 -11.66
N ASP A 115 -4.98 13.65 -10.88
CA ASP A 115 -3.63 14.05 -11.32
C ASP A 115 -3.24 13.22 -12.54
N ARG A 116 -2.36 13.73 -13.34
CA ARG A 116 -1.81 13.21 -14.57
C ARG A 116 -0.31 13.43 -14.63
N ASN A 117 0.52 12.72 -15.25
CA ASN A 117 1.94 12.83 -15.38
C ASN A 117 2.38 14.09 -16.08
N ILE A 118 3.42 14.71 -15.63
CA ILE A 118 3.97 15.97 -16.20
C ILE A 118 4.74 15.61 -17.46
N THR A 119 5.26 14.42 -17.42
CA THR A 119 6.10 13.76 -18.39
C THR A 119 5.48 13.04 -19.56
N ASP A 120 4.57 12.19 -19.25
CA ASP A 120 3.85 11.30 -20.11
C ASP A 120 2.65 11.91 -20.73
N GLY A 121 1.74 12.22 -19.86
CA GLY A 121 0.44 12.76 -20.13
C GLY A 121 -0.61 11.93 -19.40
N LYS A 122 -0.14 10.81 -18.99
CA LYS A 122 -0.63 9.66 -18.34
C LYS A 122 -1.08 9.81 -16.92
N ALA A 123 -2.22 9.24 -16.69
CA ALA A 123 -3.00 9.11 -15.48
C ALA A 123 -2.24 8.27 -14.49
N MET A 124 -2.59 8.13 -13.23
CA MET A 124 -1.95 7.36 -12.19
C MET A 124 -2.97 6.85 -11.19
N ILE A 125 -2.73 5.69 -10.66
CA ILE A 125 -3.52 4.96 -9.68
C ILE A 125 -3.27 5.66 -8.37
N ALA A 126 -2.11 6.23 -8.14
CA ALA A 126 -1.82 6.93 -6.89
C ALA A 126 -2.82 8.07 -6.65
N SER A 127 -3.12 8.90 -7.62
CA SER A 127 -4.11 9.99 -7.58
C SER A 127 -5.42 9.30 -7.27
N PHE A 128 -5.91 8.50 -8.17
CA PHE A 128 -7.16 7.74 -8.04
C PHE A 128 -7.44 7.32 -6.62
N LEU A 129 -6.62 6.57 -5.94
CA LEU A 129 -6.87 6.14 -4.58
C LEU A 129 -6.83 7.34 -3.67
N THR A 130 -5.97 8.29 -3.80
CA THR A 130 -5.86 9.46 -2.97
C THR A 130 -7.20 10.11 -2.95
N LEU A 131 -7.80 10.40 -4.03
CA LEU A 131 -9.08 11.12 -4.04
C LEU A 131 -10.14 10.23 -3.51
N THR A 132 -10.34 9.15 -4.18
CA THR A 132 -11.35 8.11 -3.95
C THR A 132 -11.39 7.41 -2.61
N MET A 133 -10.32 6.95 -2.02
CA MET A 133 -10.26 6.27 -0.74
C MET A 133 -8.98 6.59 0.07
N GLY A 134 -8.63 7.88 -0.02
CA GLY A 134 -7.47 8.52 0.66
C GLY A 134 -7.79 8.73 2.14
N ASN A 135 -7.64 9.92 2.70
CA ASN A 135 -7.98 9.95 4.16
C ASN A 135 -9.42 10.43 4.33
N ASN A 136 -10.26 9.85 3.49
CA ASN A 136 -11.71 9.96 3.58
C ASN A 136 -12.06 8.68 4.33
N GLN A 137 -11.05 7.82 4.38
CA GLN A 137 -10.95 6.52 5.03
C GLN A 137 -10.65 6.75 6.52
N GLY A 138 -10.35 8.00 6.87
CA GLY A 138 -9.97 8.34 8.26
C GLY A 138 -10.96 9.21 9.06
N MET A 139 -12.03 9.64 8.41
CA MET A 139 -13.03 10.56 8.99
C MET A 139 -13.48 10.13 10.34
N GLY A 140 -14.14 11.03 10.94
CA GLY A 140 -14.59 10.85 12.26
C GLY A 140 -16.06 10.88 12.35
N ASP A 141 -16.75 10.98 11.25
CA ASP A 141 -18.22 11.00 11.35
C ASP A 141 -18.80 9.97 10.34
N VAL A 142 -18.06 8.88 10.31
CA VAL A 142 -18.32 7.71 9.49
C VAL A 142 -17.73 6.49 10.18
N GLU A 143 -18.67 5.61 10.50
CA GLU A 143 -18.39 4.33 11.13
C GLU A 143 -17.27 3.69 10.29
N TYR A 144 -17.64 3.18 9.14
CA TYR A 144 -16.77 2.52 8.16
C TYR A 144 -17.18 2.90 6.76
N ALA A 145 -16.32 2.80 5.78
CA ALA A 145 -16.65 3.11 4.39
C ALA A 145 -15.78 2.24 3.50
N LYS A 146 -16.36 1.47 2.62
CA LYS A 146 -15.72 0.55 1.69
C LYS A 146 -16.22 0.74 0.27
N MET A 147 -15.33 0.89 -0.66
CA MET A 147 -15.61 1.05 -2.10
C MET A 147 -15.86 -0.35 -2.66
N HIS A 148 -16.97 -0.46 -3.37
CA HIS A 148 -17.39 -1.75 -3.93
C HIS A 148 -17.23 -1.85 -5.44
N ASP A 149 -17.15 -0.74 -6.13
CA ASP A 149 -17.03 -0.75 -7.60
C ASP A 149 -16.72 0.67 -8.05
N PHE A 150 -16.33 0.90 -9.26
CA PHE A 150 -15.97 2.14 -9.92
C PHE A 150 -16.08 2.26 -11.43
N TYR A 151 -16.55 3.34 -12.01
CA TYR A 151 -16.59 3.37 -13.48
C TYR A 151 -15.62 4.40 -13.98
N VAL A 152 -14.80 4.11 -14.92
CA VAL A 152 -13.78 4.82 -15.66
C VAL A 152 -14.26 4.96 -17.11
N PRO A 153 -14.43 6.23 -17.47
CA PRO A 153 -14.83 6.67 -18.81
C PRO A 153 -13.66 6.66 -19.79
N GLU A 154 -13.86 6.69 -21.08
CA GLU A 154 -12.85 6.65 -22.12
C GLU A 154 -11.72 7.67 -22.07
N ALA A 155 -12.05 8.92 -21.82
CA ALA A 155 -11.11 10.04 -21.78
C ALA A 155 -10.04 9.76 -20.74
N TYR A 156 -10.57 9.34 -19.62
CA TYR A 156 -9.88 8.96 -18.42
C TYR A 156 -9.37 7.55 -18.65
N ARG A 157 -10.12 6.51 -18.84
CA ARG A 157 -9.54 5.19 -19.02
C ARG A 157 -8.31 5.08 -19.88
N ALA A 158 -8.27 5.69 -21.00
CA ALA A 158 -7.25 5.75 -22.01
C ALA A 158 -5.92 6.36 -21.62
N LEU A 159 -5.82 7.09 -20.55
CA LEU A 159 -4.57 7.74 -20.12
C LEU A 159 -3.71 6.84 -19.26
N PHE A 160 -4.21 5.72 -18.89
CA PHE A 160 -3.68 4.66 -18.06
C PHE A 160 -2.81 3.75 -18.88
N ASP A 161 -1.92 3.00 -18.35
CA ASP A 161 -0.97 2.11 -19.00
C ASP A 161 -1.57 0.94 -19.76
N GLY A 162 -2.23 0.11 -19.08
CA GLY A 162 -2.96 -1.13 -19.26
C GLY A 162 -1.91 -2.22 -19.39
N PRO A 163 -2.28 -3.48 -19.41
CA PRO A 163 -1.27 -4.57 -19.56
C PRO A 163 -0.54 -4.44 -20.89
N SER A 164 0.70 -4.86 -20.96
CA SER A 164 1.57 -4.80 -22.09
C SER A 164 1.62 -6.17 -22.70
N VAL A 165 1.54 -7.19 -21.93
CA VAL A 165 1.63 -8.58 -22.43
C VAL A 165 0.78 -9.40 -21.52
N ASN A 166 0.37 -10.59 -21.79
CA ASN A 166 -0.43 -11.39 -20.87
C ASN A 166 0.01 -12.85 -20.95
N ILE A 167 -0.90 -13.76 -20.88
CA ILE A 167 -0.81 -15.21 -20.88
C ILE A 167 -0.41 -15.59 -22.26
N SER A 168 -0.87 -14.78 -23.16
CA SER A 168 -0.72 -14.73 -24.64
C SER A 168 0.78 -14.82 -24.92
N ALA A 169 1.57 -14.11 -24.17
CA ALA A 169 3.00 -14.11 -24.29
C ALA A 169 3.55 -15.44 -23.81
N LEU A 170 2.89 -16.07 -22.86
CA LEU A 170 3.27 -17.32 -22.27
C LEU A 170 3.02 -18.49 -23.21
N TRP A 171 1.87 -18.43 -23.84
CA TRP A 171 1.30 -19.32 -24.84
C TRP A 171 2.31 -19.26 -25.98
N LYS A 172 2.52 -18.17 -26.60
CA LYS A 172 3.50 -18.05 -27.68
C LYS A 172 4.89 -18.57 -27.43
N VAL A 173 5.39 -18.65 -26.24
CA VAL A 173 6.65 -19.21 -25.81
C VAL A 173 6.35 -20.72 -25.81
N LEU A 174 5.34 -21.20 -25.12
CA LEU A 174 4.88 -22.56 -24.95
C LEU A 174 4.49 -23.25 -26.24
N GLY A 175 4.41 -22.49 -27.30
CA GLY A 175 4.08 -22.82 -28.70
C GLY A 175 2.61 -23.18 -28.80
N ARG A 176 1.77 -22.36 -28.24
CA ARG A 176 0.33 -22.53 -28.21
C ARG A 176 -0.18 -21.39 -29.04
N PRO A 177 -1.45 -21.52 -29.34
CA PRO A 177 -2.15 -20.51 -30.16
C PRO A 177 -2.19 -19.33 -29.26
N GLU A 178 -1.95 -18.19 -29.79
CA GLU A 178 -1.93 -16.99 -28.98
C GLU A 178 -3.31 -16.61 -28.68
N VAL A 179 -4.32 -17.06 -29.34
CA VAL A 179 -5.72 -16.72 -29.00
C VAL A 179 -6.23 -17.96 -28.33
N ASP A 180 -6.81 -18.03 -27.18
CA ASP A 180 -7.36 -19.18 -26.54
C ASP A 180 -6.45 -20.39 -26.39
N GLY A 181 -5.22 -20.22 -26.09
CA GLY A 181 -4.19 -21.22 -25.87
C GLY A 181 -4.34 -22.10 -24.64
N GLY A 182 -5.18 -21.90 -23.67
CA GLY A 182 -5.32 -22.77 -22.56
C GLY A 182 -4.61 -22.65 -21.26
N LEU A 183 -4.61 -23.69 -20.44
CA LEU A 183 -4.09 -23.90 -19.12
C LEU A 183 -2.60 -24.02 -19.02
N VAL A 184 -2.03 -23.25 -18.12
CA VAL A 184 -0.60 -23.18 -17.82
C VAL A 184 -0.58 -23.69 -16.35
N VAL A 185 0.00 -24.84 -16.14
CA VAL A 185 0.06 -25.51 -14.85
C VAL A 185 1.34 -25.11 -14.13
N GLY A 186 1.20 -24.58 -12.92
CA GLY A 186 2.27 -24.16 -12.07
C GLY A 186 2.13 -24.55 -10.57
N THR A 187 3.29 -24.44 -9.88
CA THR A 187 3.42 -24.53 -8.39
C THR A 187 4.17 -23.28 -7.93
N ILE A 188 4.36 -23.34 -6.68
CA ILE A 188 5.16 -22.47 -5.81
C ILE A 188 6.09 -23.50 -5.16
N ILE A 189 7.26 -23.01 -4.81
CA ILE A 189 8.32 -23.82 -4.20
C ILE A 189 8.18 -23.91 -2.67
N LYS A 190 7.52 -24.99 -2.22
CA LYS A 190 7.35 -25.31 -0.77
C LYS A 190 8.63 -26.06 -0.34
N PRO A 191 9.42 -25.72 0.71
CA PRO A 191 9.21 -24.58 1.62
C PRO A 191 9.38 -23.24 0.96
N LYS A 192 8.63 -22.30 1.53
CA LYS A 192 8.55 -20.89 1.10
C LYS A 192 9.92 -20.18 1.26
N LEU A 193 10.69 -20.67 2.22
CA LEU A 193 12.03 -20.14 2.53
C LEU A 193 12.85 -21.21 3.27
N GLY A 194 14.14 -21.27 2.96
CA GLY A 194 15.05 -22.20 3.66
C GLY A 194 15.65 -23.30 2.76
N LEU A 195 15.65 -23.05 1.46
CA LEU A 195 16.23 -24.02 0.50
C LEU A 195 17.54 -23.45 -0.07
N ARG A 196 18.76 -23.95 0.04
CA ARG A 196 19.92 -23.29 -0.58
C ARG A 196 19.84 -23.30 -2.10
N PRO A 197 20.67 -22.53 -2.78
CA PRO A 197 20.62 -22.46 -4.24
C PRO A 197 20.38 -23.72 -5.01
N LYS A 198 21.10 -24.80 -4.88
CA LYS A 198 21.10 -26.14 -5.48
C LYS A 198 19.87 -26.90 -5.07
N PRO A 199 19.65 -27.17 -3.80
CA PRO A 199 18.40 -27.82 -3.40
C PRO A 199 17.22 -27.18 -4.13
N PHE A 200 17.10 -25.90 -4.17
CA PHE A 200 16.18 -25.01 -4.79
C PHE A 200 16.15 -25.23 -6.29
N ALA A 201 17.25 -25.12 -6.98
CA ALA A 201 17.31 -25.35 -8.43
C ALA A 201 16.85 -26.76 -8.70
N GLU A 202 17.30 -27.75 -7.98
CA GLU A 202 16.91 -29.13 -8.10
C GLU A 202 15.45 -29.16 -7.79
N ALA A 203 14.84 -28.57 -6.83
CA ALA A 203 13.39 -28.66 -6.73
C ALA A 203 12.74 -28.17 -8.00
N CYS A 204 13.19 -27.18 -8.69
CA CYS A 204 12.71 -26.60 -9.92
C CYS A 204 12.75 -27.51 -11.16
N HIS A 205 13.93 -28.06 -11.36
CA HIS A 205 14.28 -29.02 -12.42
C HIS A 205 13.21 -30.09 -12.30
N ALA A 206 13.23 -30.74 -11.17
CA ALA A 206 12.32 -31.80 -10.82
C ALA A 206 10.91 -31.46 -11.26
N PHE A 207 10.32 -30.41 -10.71
CA PHE A 207 8.94 -29.97 -10.97
C PHE A 207 8.76 -29.75 -12.45
N TRP A 208 9.56 -29.07 -13.20
CA TRP A 208 9.43 -28.86 -14.63
C TRP A 208 9.41 -30.03 -15.60
N LEU A 209 9.39 -31.25 -15.23
CA LEU A 209 9.33 -32.50 -15.94
C LEU A 209 7.86 -32.89 -16.09
N GLY A 210 6.95 -32.28 -15.41
CA GLY A 210 5.53 -32.47 -15.41
C GLY A 210 4.74 -31.23 -15.75
N GLY A 211 4.98 -30.15 -15.09
CA GLY A 211 4.50 -28.81 -15.08
C GLY A 211 5.02 -27.81 -16.05
N ASP A 212 4.50 -26.62 -16.16
CA ASP A 212 4.92 -25.58 -17.09
C ASP A 212 5.56 -24.35 -16.46
N PHE A 213 5.01 -23.87 -15.38
CA PHE A 213 5.40 -22.68 -14.66
C PHE A 213 5.84 -22.77 -13.23
N ILE A 214 7.03 -22.33 -12.68
CA ILE A 214 7.38 -22.17 -11.26
C ILE A 214 7.53 -20.68 -10.92
N LYS A 215 7.05 -20.33 -9.76
CA LYS A 215 7.09 -18.95 -9.25
C LYS A 215 7.66 -18.93 -7.83
N ASN A 216 8.64 -18.05 -7.67
CA ASN A 216 9.28 -17.82 -6.37
C ASN A 216 8.20 -17.48 -5.36
N ASP A 217 8.23 -18.10 -4.19
CA ASP A 217 7.19 -17.74 -3.22
C ASP A 217 7.41 -16.30 -2.78
N GLU A 218 6.46 -15.83 -2.01
CA GLU A 218 6.35 -14.41 -1.61
C GLU A 218 7.70 -13.77 -1.14
N PRO A 219 8.42 -14.20 -0.09
CA PRO A 219 9.62 -13.50 0.37
C PRO A 219 10.92 -13.92 -0.28
N GLN A 220 10.89 -14.91 -1.13
CA GLN A 220 12.12 -15.37 -1.80
C GLN A 220 12.77 -14.19 -2.52
N GLY A 221 13.96 -13.85 -2.07
CA GLY A 221 14.72 -12.72 -2.63
C GLY A 221 16.23 -12.99 -2.59
N ASN A 222 16.88 -12.22 -1.72
CA ASN A 222 18.34 -12.27 -1.57
C ASN A 222 18.75 -12.52 -0.11
N GLN A 223 18.20 -13.58 0.47
CA GLN A 223 18.55 -13.97 1.83
C GLN A 223 20.02 -14.36 1.84
N PRO A 224 20.73 -14.24 2.95
CA PRO A 224 22.16 -14.55 3.02
C PRO A 224 22.46 -16.00 2.76
N PHE A 225 21.52 -16.86 3.11
CA PHE A 225 21.71 -18.32 3.01
C PHE A 225 21.35 -18.90 1.62
N ALA A 226 20.86 -18.04 0.73
CA ALA A 226 20.49 -18.46 -0.66
C ALA A 226 20.41 -17.22 -1.57
N PRO A 227 21.56 -16.57 -1.83
CA PRO A 227 21.65 -15.35 -2.64
C PRO A 227 20.97 -15.48 -3.98
N LEU A 228 20.39 -14.35 -4.34
CA LEU A 228 19.61 -14.16 -5.59
C LEU A 228 20.44 -14.52 -6.84
N ARG A 229 21.66 -14.02 -6.89
CA ARG A 229 22.56 -14.23 -8.04
C ARG A 229 23.00 -15.68 -8.17
N ASP A 230 23.25 -16.30 -7.04
CA ASP A 230 23.69 -17.69 -7.00
C ASP A 230 22.54 -18.61 -7.44
N THR A 231 21.38 -18.33 -6.88
CA THR A 231 20.16 -19.10 -7.12
C THR A 231 19.60 -18.91 -8.53
N ILE A 232 19.61 -17.69 -8.99
CA ILE A 232 19.03 -17.35 -10.30
C ILE A 232 19.97 -17.77 -11.45
N ALA A 233 21.21 -18.08 -11.12
CA ALA A 233 22.17 -18.57 -12.12
C ALA A 233 21.97 -20.08 -12.25
N LEU A 234 21.71 -20.66 -11.08
CA LEU A 234 21.45 -22.10 -10.93
C LEU A 234 20.10 -22.45 -11.56
N VAL A 235 19.01 -21.66 -11.14
CA VAL A 235 17.63 -21.85 -11.61
C VAL A 235 17.74 -21.68 -13.11
N ALA A 236 18.54 -20.79 -13.63
CA ALA A 236 18.64 -20.58 -15.07
C ALA A 236 18.99 -21.85 -15.80
N ASP A 237 19.88 -22.63 -15.27
CA ASP A 237 20.48 -23.89 -15.61
C ASP A 237 19.46 -25.01 -15.56
N ALA A 238 18.71 -25.13 -14.52
CA ALA A 238 17.64 -26.08 -14.32
C ALA A 238 16.65 -25.99 -15.47
N MET A 239 16.37 -24.83 -16.02
CA MET A 239 15.48 -24.60 -17.17
C MET A 239 16.12 -25.38 -18.32
N ARG A 240 17.35 -25.08 -18.68
CA ARG A 240 18.07 -25.74 -19.76
C ARG A 240 17.99 -27.24 -19.62
N ARG A 241 18.39 -27.78 -18.51
CA ARG A 241 18.26 -29.22 -18.40
C ARG A 241 16.81 -29.57 -18.54
N ALA A 242 15.80 -29.03 -17.90
CA ALA A 242 14.40 -29.44 -18.01
C ALA A 242 13.89 -29.43 -19.41
N GLN A 243 14.12 -28.36 -20.12
CA GLN A 243 13.74 -28.12 -21.51
C GLN A 243 14.27 -29.25 -22.36
N ASP A 244 15.52 -29.54 -22.35
CA ASP A 244 16.28 -30.58 -23.08
C ASP A 244 15.87 -32.02 -22.83
N GLU A 245 15.43 -32.49 -21.71
CA GLU A 245 14.99 -33.84 -21.45
C GLU A 245 13.50 -34.08 -21.66
N THR A 246 12.85 -32.98 -21.87
CA THR A 246 11.42 -32.86 -22.03
C THR A 246 11.05 -32.46 -23.40
N GLY A 247 11.80 -31.56 -23.97
CA GLY A 247 11.48 -31.08 -25.33
C GLY A 247 10.42 -29.97 -25.31
N GLU A 248 9.97 -29.56 -24.13
CA GLU A 248 8.97 -28.52 -23.95
C GLU A 248 9.71 -27.35 -23.30
N ALA A 249 9.26 -26.19 -23.57
CA ALA A 249 9.73 -24.91 -23.07
C ALA A 249 9.08 -24.83 -21.71
N LYS A 250 9.78 -24.26 -20.77
CA LYS A 250 9.42 -24.14 -19.36
C LYS A 250 9.47 -22.66 -19.02
N LEU A 251 8.63 -22.30 -18.08
CA LEU A 251 8.35 -21.01 -17.48
C LEU A 251 8.73 -20.78 -16.03
N PHE A 252 9.26 -19.64 -15.68
CA PHE A 252 9.71 -19.18 -14.37
C PHE A 252 9.29 -17.76 -14.09
N SER A 253 8.84 -17.55 -12.90
CA SER A 253 8.40 -16.24 -12.35
C SER A 253 9.23 -15.91 -11.07
N ALA A 254 10.18 -15.00 -11.24
CA ALA A 254 11.19 -14.59 -10.23
C ALA A 254 10.83 -13.25 -9.52
N ASN A 255 10.75 -13.19 -8.12
CA ASN A 255 10.38 -11.86 -7.56
C ASN A 255 11.61 -11.01 -7.55
N ILE A 256 11.27 -9.84 -7.98
CA ILE A 256 12.15 -8.75 -8.15
C ILE A 256 11.66 -7.63 -7.25
N THR A 257 10.70 -7.98 -6.38
CA THR A 257 10.13 -7.02 -5.41
C THR A 257 11.27 -6.40 -4.59
N ALA A 258 11.16 -5.11 -4.40
CA ALA A 258 12.15 -4.33 -3.63
C ALA A 258 11.55 -2.96 -3.32
N ASP A 259 12.21 -2.27 -2.41
CA ASP A 259 11.81 -0.93 -1.93
C ASP A 259 12.21 0.19 -2.90
N ASP A 260 13.37 0.01 -3.45
CA ASP A 260 14.02 0.97 -4.36
C ASP A 260 13.86 0.45 -5.83
N PRO A 261 13.26 1.28 -6.74
CA PRO A 261 12.99 0.90 -8.14
C PRO A 261 14.22 0.46 -8.89
N PHE A 262 15.32 1.06 -8.53
CA PHE A 262 16.62 0.79 -9.16
C PHE A 262 17.15 -0.55 -8.74
N GLU A 263 16.61 -0.99 -7.65
CA GLU A 263 16.94 -2.29 -7.09
C GLU A 263 16.03 -3.29 -7.80
N ILE A 264 14.79 -2.85 -7.97
CA ILE A 264 13.77 -3.64 -8.66
C ILE A 264 14.27 -3.88 -10.09
N ILE A 265 14.81 -2.81 -10.65
CA ILE A 265 15.36 -2.77 -12.02
C ILE A 265 16.66 -3.62 -12.06
N ALA A 266 17.45 -3.48 -11.02
CA ALA A 266 18.72 -4.24 -10.88
C ALA A 266 18.44 -5.74 -11.10
N ARG A 267 17.43 -6.21 -10.38
CA ARG A 267 17.02 -7.61 -10.43
C ARG A 267 16.43 -7.98 -11.78
N GLY A 268 15.47 -7.23 -12.20
CA GLY A 268 14.84 -7.49 -13.49
C GLY A 268 15.90 -7.85 -14.53
N GLU A 269 16.94 -7.01 -14.52
CA GLU A 269 18.08 -7.04 -15.46
C GLU A 269 19.11 -8.17 -15.25
N TYR A 270 19.30 -8.59 -14.03
CA TYR A 270 20.28 -9.67 -13.78
C TYR A 270 19.64 -11.04 -14.05
N VAL A 271 18.34 -11.06 -13.88
CA VAL A 271 17.55 -12.28 -14.04
C VAL A 271 17.36 -12.59 -15.56
N LEU A 272 16.91 -11.60 -16.29
CA LEU A 272 16.63 -11.71 -17.74
C LEU A 272 17.89 -11.98 -18.59
N GLU A 273 19.03 -11.56 -18.10
CA GLU A 273 20.29 -11.71 -18.86
C GLU A 273 21.06 -12.98 -18.43
N THR A 274 20.51 -13.69 -17.47
CA THR A 274 21.14 -14.91 -16.93
C THR A 274 20.39 -16.15 -17.43
N PHE A 275 19.20 -15.86 -17.93
CA PHE A 275 18.31 -16.83 -18.55
C PHE A 275 18.58 -16.77 -20.06
N GLY A 276 19.28 -15.71 -20.39
CA GLY A 276 19.74 -15.37 -21.76
C GLY A 276 18.74 -15.72 -22.86
N GLU A 277 18.97 -16.86 -23.47
CA GLU A 277 18.12 -17.37 -24.56
C GLU A 277 16.67 -17.41 -24.09
N ASN A 278 16.55 -17.84 -22.84
CA ASN A 278 15.25 -18.10 -22.17
C ASN A 278 14.69 -16.87 -21.40
N ALA A 279 15.17 -15.73 -21.82
CA ALA A 279 14.81 -14.40 -21.31
C ALA A 279 13.30 -14.16 -21.38
N SER A 280 12.73 -14.67 -22.44
CA SER A 280 11.31 -14.50 -22.72
C SER A 280 10.49 -15.59 -22.01
N HIS A 281 11.17 -16.42 -21.24
CA HIS A 281 10.52 -17.51 -20.45
C HIS A 281 10.35 -17.12 -19.00
N VAL A 282 10.85 -15.96 -18.70
CA VAL A 282 10.80 -15.40 -17.36
C VAL A 282 9.67 -14.37 -17.25
N ALA A 283 8.96 -14.52 -16.15
CA ALA A 283 7.89 -13.61 -15.74
C ALA A 283 8.51 -12.86 -14.56
N LEU A 284 8.12 -11.59 -14.36
CA LEU A 284 8.66 -10.75 -13.26
C LEU A 284 7.55 -10.46 -12.25
N LEU A 285 7.74 -11.05 -11.08
CA LEU A 285 6.80 -10.99 -9.95
C LEU A 285 7.19 -9.77 -9.09
N VAL A 286 6.18 -8.99 -8.78
CA VAL A 286 6.32 -7.78 -7.96
C VAL A 286 5.16 -7.73 -6.99
N ASP A 287 5.46 -7.88 -5.71
CA ASP A 287 4.41 -7.82 -4.69
C ASP A 287 3.88 -6.42 -4.63
N GLY A 288 2.90 -6.20 -5.47
CA GLY A 288 2.27 -4.90 -5.67
C GLY A 288 1.48 -4.37 -4.48
N TYR A 289 1.13 -5.21 -3.53
CA TYR A 289 0.33 -4.69 -2.42
C TYR A 289 1.19 -4.00 -1.35
N VAL A 290 2.11 -4.77 -0.92
CA VAL A 290 3.01 -4.52 0.17
C VAL A 290 4.24 -3.66 -0.22
N ALA A 291 4.36 -3.28 -1.49
CA ALA A 291 5.50 -2.46 -1.98
C ALA A 291 4.99 -1.25 -2.79
N GLY A 292 3.69 -1.15 -2.87
CA GLY A 292 3.00 -0.02 -3.52
C GLY A 292 3.02 -0.05 -5.05
N ALA A 293 2.28 0.90 -5.59
CA ALA A 293 2.07 1.06 -7.02
C ALA A 293 3.33 1.53 -7.77
N ALA A 294 4.27 2.18 -7.06
CA ALA A 294 5.48 2.64 -7.75
C ALA A 294 6.35 1.45 -8.14
N ALA A 295 6.18 0.38 -7.38
CA ALA A 295 6.92 -0.88 -7.58
C ALA A 295 6.33 -1.62 -8.78
N ILE A 296 5.02 -1.54 -8.89
CA ILE A 296 4.30 -2.20 -9.99
C ILE A 296 4.50 -1.43 -11.28
N THR A 297 4.61 -0.13 -11.15
CA THR A 297 4.79 0.72 -12.31
C THR A 297 6.26 0.71 -12.76
N THR A 298 7.17 0.35 -11.86
CA THR A 298 8.61 0.32 -12.19
C THR A 298 8.91 -0.83 -13.18
N ALA A 299 8.38 -2.00 -12.90
CA ALA A 299 8.61 -3.19 -13.74
C ALA A 299 7.83 -3.09 -15.07
N ARG A 300 6.62 -2.60 -14.94
CA ARG A 300 5.66 -2.45 -16.05
C ARG A 300 6.22 -1.62 -17.22
N ARG A 301 6.92 -0.55 -16.88
CA ARG A 301 7.49 0.39 -17.88
C ARG A 301 8.96 0.08 -18.23
N ARG A 302 9.62 -0.58 -17.31
CA ARG A 302 11.05 -0.94 -17.46
C ARG A 302 11.18 -2.17 -18.37
N PHE A 303 10.40 -3.17 -18.03
CA PHE A 303 10.35 -4.44 -18.77
C PHE A 303 8.91 -4.65 -19.26
N PRO A 304 8.51 -4.08 -20.41
CA PRO A 304 7.16 -4.17 -20.92
C PRO A 304 6.99 -5.35 -21.84
N ASP A 305 8.07 -6.09 -22.01
CA ASP A 305 8.12 -7.25 -22.90
C ASP A 305 8.01 -8.57 -22.15
N ASN A 306 7.93 -8.44 -20.85
CA ASN A 306 7.83 -9.59 -19.95
C ASN A 306 6.59 -9.50 -19.08
N PHE A 307 6.10 -10.68 -18.77
CA PHE A 307 4.90 -10.87 -17.94
C PHE A 307 5.16 -10.31 -16.52
N LEU A 308 4.31 -9.37 -16.16
CA LEU A 308 4.31 -8.69 -14.86
C LEU A 308 3.30 -9.42 -13.98
N HIS A 309 3.75 -10.28 -13.14
CA HIS A 309 3.01 -11.17 -12.21
C HIS A 309 2.86 -10.45 -10.85
N TYR A 310 1.64 -9.99 -10.65
CA TYR A 310 1.21 -9.24 -9.43
C TYR A 310 0.78 -10.22 -8.31
N HIS A 311 1.60 -10.30 -7.24
CA HIS A 311 1.32 -11.20 -6.06
C HIS A 311 0.21 -10.50 -5.24
N ARG A 312 -0.84 -11.08 -4.88
CA ARG A 312 -1.73 -10.40 -3.92
C ARG A 312 -1.28 -10.98 -2.53
N ALA A 313 -0.13 -10.43 -2.11
CA ALA A 313 0.65 -10.79 -0.88
C ALA A 313 -0.13 -10.82 0.46
N GLY A 314 -1.11 -9.96 0.65
CA GLY A 314 -1.87 -9.98 1.93
C GLY A 314 -2.79 -8.76 2.13
N HIS A 315 -3.81 -8.72 1.32
CA HIS A 315 -4.83 -7.66 1.36
C HIS A 315 -5.36 -7.54 2.79
N GLY A 316 -5.91 -8.65 3.23
CA GLY A 316 -6.46 -8.82 4.56
C GLY A 316 -7.56 -7.79 4.87
N ALA A 317 -7.28 -7.04 5.93
CA ALA A 317 -8.15 -5.99 6.51
C ALA A 317 -8.83 -5.09 5.47
N VAL A 318 -8.16 -4.87 4.38
CA VAL A 318 -8.75 -3.99 3.35
C VAL A 318 -9.69 -4.85 2.45
N THR A 319 -9.09 -5.72 1.64
CA THR A 319 -9.82 -6.68 0.72
C THR A 319 -10.14 -7.97 1.53
N SER A 320 -11.29 -7.96 2.24
CA SER A 320 -11.55 -8.98 3.31
C SER A 320 -12.95 -9.69 3.52
N PRO A 321 -13.08 -10.34 4.73
CA PRO A 321 -14.31 -10.80 5.39
C PRO A 321 -15.37 -9.74 5.33
N GLN A 322 -15.01 -8.65 4.86
CA GLN A 322 -15.91 -7.46 4.72
C GLN A 322 -15.35 -6.51 5.84
N SER A 323 -14.01 -6.24 5.68
CA SER A 323 -13.37 -5.18 6.45
C SER A 323 -14.14 -4.01 5.89
N LYS A 324 -14.96 -3.46 6.71
CA LYS A 324 -15.83 -2.38 6.27
C LYS A 324 -15.00 -1.16 5.84
N ARG A 325 -13.69 -1.42 5.70
CA ARG A 325 -12.70 -0.39 5.34
C ARG A 325 -11.89 -0.69 4.06
N GLY A 326 -11.81 0.33 3.21
CA GLY A 326 -11.02 0.29 1.95
C GLY A 326 -11.87 -0.12 0.74
N TYR A 327 -11.38 -1.17 0.09
CA TYR A 327 -12.03 -1.75 -1.08
C TYR A 327 -11.99 -3.28 -1.00
N THR A 328 -12.60 -3.86 -2.01
CA THR A 328 -12.76 -5.31 -2.16
C THR A 328 -11.79 -5.85 -3.23
N ALA A 329 -11.73 -7.20 -3.26
CA ALA A 329 -10.84 -7.87 -4.22
C ALA A 329 -11.33 -7.63 -5.65
N PHE A 330 -12.61 -7.37 -5.83
CA PHE A 330 -13.10 -7.10 -7.18
C PHE A 330 -12.34 -5.87 -7.74
N VAL A 331 -12.40 -4.81 -6.95
CA VAL A 331 -11.80 -3.47 -7.25
C VAL A 331 -10.25 -3.44 -7.28
N HIS A 332 -9.64 -4.21 -6.43
CA HIS A 332 -8.19 -4.32 -6.31
C HIS A 332 -7.64 -4.87 -7.62
N CYS A 333 -8.32 -5.89 -8.04
CA CYS A 333 -7.99 -6.60 -9.24
C CYS A 333 -8.33 -5.73 -10.48
N LYS A 334 -9.54 -5.16 -10.53
CA LYS A 334 -9.95 -4.31 -11.70
C LYS A 334 -8.95 -3.17 -11.92
N MET A 335 -8.45 -2.67 -10.79
CA MET A 335 -7.49 -1.55 -10.72
C MET A 335 -6.12 -1.92 -11.33
N ALA A 336 -5.76 -3.19 -11.17
CA ALA A 336 -4.46 -3.76 -11.65
C ALA A 336 -4.34 -3.83 -13.19
N ARG A 337 -5.44 -4.06 -13.86
CA ARG A 337 -5.41 -4.13 -15.32
C ARG A 337 -5.02 -2.74 -15.84
N LEU A 338 -5.68 -1.75 -15.25
CA LEU A 338 -5.47 -0.32 -15.54
C LEU A 338 -4.02 0.07 -15.26
N GLN A 339 -3.50 -0.58 -14.25
CA GLN A 339 -2.12 -0.37 -13.79
C GLN A 339 -1.14 -1.03 -14.76
N GLY A 340 -1.50 -2.23 -15.22
CA GLY A 340 -0.65 -2.93 -16.22
C GLY A 340 -0.22 -4.35 -15.84
N ALA A 341 -0.87 -4.98 -14.90
CA ALA A 341 -0.50 -6.35 -14.56
C ALA A 341 -0.88 -7.24 -15.74
N SER A 342 -0.06 -8.19 -15.96
CA SER A 342 -0.23 -9.19 -17.03
C SER A 342 -1.09 -10.35 -16.49
N GLY A 343 -0.84 -10.66 -15.24
CA GLY A 343 -1.54 -11.70 -14.49
C GLY A 343 -1.55 -11.33 -13.01
N ILE A 344 -2.59 -11.75 -12.31
CA ILE A 344 -2.71 -11.46 -10.87
C ILE A 344 -3.47 -12.57 -10.12
N HIS A 345 -2.79 -13.02 -9.06
CA HIS A 345 -3.36 -13.99 -8.09
C HIS A 345 -4.86 -13.51 -7.98
N THR A 346 -5.91 -14.37 -8.28
CA THR A 346 -7.38 -13.91 -8.30
C THR A 346 -8.37 -14.68 -7.42
N GLY A 347 -8.31 -15.96 -7.31
CA GLY A 347 -9.30 -16.69 -6.50
C GLY A 347 -9.28 -18.18 -6.73
N THR A 348 -9.78 -18.81 -5.67
CA THR A 348 -9.88 -20.26 -5.53
C THR A 348 -11.28 -20.78 -5.32
N MET A 349 -11.71 -20.50 -4.09
CA MET A 349 -12.96 -21.02 -3.54
C MET A 349 -14.16 -20.70 -4.43
N SER A 358 -19.74 -10.79 -6.64
CA SER A 358 -20.51 -12.04 -6.72
C SER A 358 -19.60 -13.22 -6.94
N SER A 359 -18.32 -13.00 -7.04
CA SER A 359 -17.46 -14.14 -7.30
C SER A 359 -16.17 -13.69 -7.94
N ASP A 360 -15.29 -14.64 -7.88
CA ASP A 360 -13.96 -14.44 -8.48
C ASP A 360 -13.98 -14.84 -9.95
N ARG A 361 -15.19 -15.10 -10.41
CA ARG A 361 -15.42 -15.45 -11.82
C ARG A 361 -15.95 -14.20 -12.51
N ALA A 362 -16.46 -13.31 -11.67
CA ALA A 362 -16.94 -12.00 -12.08
C ALA A 362 -15.73 -11.10 -12.26
N ILE A 363 -14.81 -11.29 -11.35
CA ILE A 363 -13.53 -10.59 -11.37
C ILE A 363 -12.81 -11.01 -12.65
N ALA A 364 -12.80 -12.31 -12.85
CA ALA A 364 -12.16 -12.98 -14.00
C ALA A 364 -12.59 -12.37 -15.34
N TYR A 365 -13.89 -12.15 -15.47
CA TYR A 365 -14.50 -11.60 -16.72
C TYR A 365 -14.17 -10.12 -16.91
N MET A 366 -14.22 -9.41 -15.81
CA MET A 366 -13.95 -7.97 -15.81
C MET A 366 -12.50 -7.71 -16.24
N LEU A 367 -11.66 -8.67 -15.88
CA LEU A 367 -10.21 -8.62 -16.14
C LEU A 367 -9.82 -9.04 -17.57
N THR A 368 -10.57 -9.98 -18.12
CA THR A 368 -10.21 -10.60 -19.42
C THR A 368 -11.04 -10.12 -20.64
N GLN A 369 -12.28 -9.72 -20.42
CA GLN A 369 -13.15 -9.27 -21.54
C GLN A 369 -12.99 -7.77 -21.83
N ASP A 370 -13.65 -7.35 -22.90
CA ASP A 370 -13.61 -5.94 -23.38
C ASP A 370 -14.83 -5.17 -22.88
N GLU A 371 -15.74 -5.94 -22.33
CA GLU A 371 -17.00 -5.46 -21.76
C GLU A 371 -17.37 -6.37 -20.62
N ALA A 372 -17.41 -5.82 -19.43
CA ALA A 372 -17.73 -6.61 -18.26
C ALA A 372 -18.61 -5.82 -17.30
N GLN A 373 -19.53 -6.55 -16.73
CA GLN A 373 -20.48 -6.02 -15.76
C GLN A 373 -19.96 -6.35 -14.36
N GLY A 374 -19.73 -5.30 -13.61
CA GLY A 374 -19.31 -5.36 -12.20
C GLY A 374 -20.55 -5.34 -11.31
N PRO A 375 -20.42 -5.30 -9.99
CA PRO A 375 -21.58 -5.30 -9.12
C PRO A 375 -22.51 -4.11 -9.37
N PHE A 376 -21.95 -2.94 -9.70
CA PHE A 376 -22.80 -1.74 -9.95
C PHE A 376 -22.59 -1.14 -11.35
N TYR A 377 -21.37 -1.22 -11.86
CA TYR A 377 -21.07 -0.65 -13.20
C TYR A 377 -20.52 -1.65 -14.20
N ARG A 378 -20.96 -1.36 -15.41
CA ARG A 378 -20.59 -2.06 -16.63
C ARG A 378 -19.46 -1.25 -17.21
N GLN A 379 -18.42 -1.96 -17.55
CA GLN A 379 -17.20 -1.35 -18.05
C GLN A 379 -16.77 -1.91 -19.41
N SER A 380 -16.33 -0.95 -20.20
CA SER A 380 -15.77 -1.16 -21.55
C SER A 380 -14.28 -0.82 -21.41
N TRP A 381 -13.48 -1.39 -22.25
CA TRP A 381 -12.02 -1.20 -22.16
C TRP A 381 -11.41 -0.72 -23.46
N GLY A 382 -12.29 -0.46 -24.39
CA GLY A 382 -11.90 0.02 -25.71
C GLY A 382 -10.54 -0.56 -26.15
N GLY A 383 -10.50 -1.87 -26.25
CA GLY A 383 -9.32 -2.64 -26.72
C GLY A 383 -8.13 -2.63 -25.76
N MET A 384 -8.38 -2.65 -24.47
CA MET A 384 -7.29 -2.70 -23.50
C MET A 384 -7.04 -4.16 -23.14
N LYS A 385 -5.83 -4.57 -23.43
CA LYS A 385 -5.33 -5.91 -23.17
C LYS A 385 -5.87 -6.38 -21.83
N ALA A 386 -6.20 -7.64 -21.78
CA ALA A 386 -6.73 -8.26 -20.57
C ALA A 386 -5.56 -8.63 -19.64
N CYS A 387 -5.93 -8.84 -18.40
CA CYS A 387 -5.02 -9.24 -17.32
C CYS A 387 -5.43 -10.68 -16.95
N THR A 388 -4.51 -11.62 -17.08
CA THR A 388 -4.79 -13.08 -16.86
C THR A 388 -4.97 -13.48 -15.40
N PRO A 389 -6.07 -14.14 -15.05
CA PRO A 389 -6.28 -14.62 -13.71
C PRO A 389 -5.32 -15.73 -13.48
N ILE A 390 -4.81 -15.74 -12.29
CA ILE A 390 -3.89 -16.77 -11.84
C ILE A 390 -4.62 -17.40 -10.68
N ILE A 391 -5.19 -18.53 -10.98
CA ILE A 391 -5.94 -19.25 -10.00
C ILE A 391 -4.99 -20.08 -9.17
N SER A 392 -5.33 -20.10 -7.93
CA SER A 392 -4.64 -20.80 -6.89
C SER A 392 -5.60 -21.87 -6.41
N GLY A 393 -5.08 -23.00 -6.06
CA GLY A 393 -5.96 -24.05 -5.57
C GLY A 393 -5.35 -25.42 -5.73
N GLY A 394 -6.00 -26.16 -6.55
CA GLY A 394 -5.63 -27.52 -6.80
C GLY A 394 -6.91 -28.29 -6.73
N MET A 395 -7.46 -28.38 -7.89
CA MET A 395 -8.70 -29.03 -8.18
C MET A 395 -8.53 -30.56 -8.21
N ASN A 396 -7.67 -30.92 -9.10
CA ASN A 396 -7.29 -32.29 -9.47
C ASN A 396 -7.83 -32.42 -10.88
N ALA A 397 -7.42 -33.45 -11.52
CA ALA A 397 -7.72 -33.71 -12.92
C ALA A 397 -9.21 -33.97 -13.24
N LEU A 398 -9.88 -34.66 -12.29
CA LEU A 398 -11.31 -35.04 -12.43
C LEU A 398 -12.24 -33.84 -12.14
N ARG A 399 -11.74 -32.90 -11.33
CA ARG A 399 -12.50 -31.68 -11.00
C ARG A 399 -12.10 -30.56 -11.95
N MET A 400 -10.91 -30.70 -12.55
CA MET A 400 -10.41 -29.68 -13.49
C MET A 400 -11.50 -29.30 -14.50
N PRO A 401 -11.98 -30.22 -15.37
CA PRO A 401 -13.03 -29.95 -16.38
C PRO A 401 -14.20 -29.16 -15.83
N GLY A 402 -14.56 -29.42 -14.58
CA GLY A 402 -15.68 -28.71 -13.94
C GLY A 402 -15.37 -27.21 -13.91
N PHE A 403 -14.17 -26.92 -13.44
CA PHE A 403 -13.72 -25.54 -13.34
C PHE A 403 -13.84 -24.84 -14.69
N PHE A 404 -13.23 -25.43 -15.69
CA PHE A 404 -13.23 -24.84 -17.02
C PHE A 404 -14.67 -24.61 -17.54
N GLU A 405 -15.60 -25.53 -17.24
CA GLU A 405 -17.01 -25.44 -17.75
C GLU A 405 -17.81 -24.23 -17.21
N ASN A 406 -17.65 -23.93 -15.92
CA ASN A 406 -18.37 -22.78 -15.29
C ASN A 406 -17.71 -21.49 -15.72
N LEU A 407 -16.42 -21.55 -15.89
CA LEU A 407 -15.73 -20.35 -16.32
C LEU A 407 -15.95 -20.16 -17.83
N GLY A 408 -15.70 -21.19 -18.65
CA GLY A 408 -15.98 -21.04 -20.11
C GLY A 408 -14.72 -21.02 -20.94
N ASN A 409 -13.67 -21.21 -20.26
CA ASN A 409 -12.38 -21.25 -20.85
C ASN A 409 -11.45 -21.88 -19.83
N ALA A 410 -10.21 -21.93 -20.24
CA ALA A 410 -9.12 -22.50 -19.47
C ALA A 410 -7.88 -21.62 -19.63
N ASN A 411 -8.14 -20.35 -19.98
CA ASN A 411 -7.10 -19.31 -20.24
C ASN A 411 -6.58 -18.62 -18.99
N VAL A 412 -6.30 -19.46 -18.02
CA VAL A 412 -5.78 -19.08 -16.71
C VAL A 412 -4.42 -19.79 -16.48
N ILE A 413 -3.76 -19.39 -15.41
CA ILE A 413 -2.48 -19.99 -14.94
C ILE A 413 -2.81 -20.63 -13.61
N LEU A 414 -2.52 -21.88 -13.46
CA LEU A 414 -2.86 -22.52 -12.21
C LEU A 414 -1.59 -22.84 -11.42
N THR A 415 -1.52 -22.13 -10.29
CA THR A 415 -0.44 -22.30 -9.30
C THR A 415 -1.03 -23.20 -8.22
N ALA A 416 -0.98 -24.46 -8.56
CA ALA A 416 -1.52 -25.56 -7.75
C ALA A 416 -0.61 -25.94 -6.57
N GLY A 417 -1.25 -26.38 -5.49
CA GLY A 417 -0.52 -26.83 -4.29
C GLY A 417 0.25 -28.08 -4.72
N GLY A 418 1.01 -28.67 -3.82
CA GLY A 418 1.76 -29.93 -4.15
C GLY A 418 0.79 -31.07 -3.85
N GLY A 419 -0.43 -30.57 -3.67
CA GLY A 419 -1.64 -31.32 -3.34
C GLY A 419 -2.42 -31.65 -4.61
N ALA A 420 -2.53 -30.65 -5.47
CA ALA A 420 -3.22 -30.81 -6.78
C ALA A 420 -2.39 -31.76 -7.64
N PHE A 421 -1.18 -31.90 -7.17
CA PHE A 421 -0.15 -32.67 -7.80
C PHE A 421 -0.10 -34.12 -7.24
N GLY A 422 -0.60 -34.32 -6.03
CA GLY A 422 -0.64 -35.67 -5.45
C GLY A 422 -1.17 -36.66 -6.51
N HIS A 423 -0.55 -37.80 -6.57
CA HIS A 423 -0.90 -38.86 -7.54
C HIS A 423 -0.25 -40.13 -6.96
N ILE A 424 -0.63 -41.34 -7.39
CA ILE A 424 -0.01 -42.58 -6.80
C ILE A 424 1.42 -42.80 -7.37
N ASP A 425 1.67 -42.29 -8.50
CA ASP A 425 2.87 -42.22 -9.32
C ASP A 425 3.65 -40.93 -9.06
N GLY A 426 3.07 -39.88 -8.48
CA GLY A 426 3.74 -38.60 -8.20
C GLY A 426 3.23 -37.29 -8.76
N PRO A 427 4.00 -36.23 -8.51
CA PRO A 427 3.76 -34.84 -8.91
C PRO A 427 4.21 -34.55 -10.32
N VAL A 428 4.94 -35.53 -10.87
CA VAL A 428 5.38 -35.41 -12.28
C VAL A 428 4.16 -35.91 -13.05
N ALA A 429 3.56 -36.95 -12.55
CA ALA A 429 2.37 -37.52 -13.17
C ALA A 429 1.10 -36.84 -12.71
N GLY A 430 1.15 -36.23 -11.56
CA GLY A 430 0.04 -35.46 -10.99
C GLY A 430 -0.15 -34.32 -12.01
N ALA A 431 0.84 -33.50 -12.20
CA ALA A 431 0.89 -32.36 -13.10
C ALA A 431 0.56 -32.62 -14.54
N ARG A 432 0.76 -33.84 -14.98
CA ARG A 432 0.55 -34.32 -16.35
C ARG A 432 -0.90 -34.68 -16.59
N SER A 433 -1.56 -35.13 -15.52
CA SER A 433 -2.98 -35.45 -15.55
C SER A 433 -3.84 -34.19 -15.68
N LEU A 434 -3.40 -33.08 -15.14
CA LEU A 434 -3.92 -31.71 -15.08
C LEU A 434 -3.83 -31.25 -16.56
N ARG A 435 -2.69 -31.37 -17.16
CA ARG A 435 -2.50 -31.05 -18.56
C ARG A 435 -3.47 -31.94 -19.34
N GLN A 436 -3.41 -33.25 -19.16
CA GLN A 436 -4.27 -34.22 -19.82
C GLN A 436 -5.74 -33.93 -19.71
N ALA A 437 -6.24 -33.47 -18.63
CA ALA A 437 -7.59 -33.05 -18.34
C ALA A 437 -7.97 -31.78 -19.09
N TRP A 438 -7.07 -30.88 -19.43
CA TRP A 438 -7.34 -29.67 -20.22
C TRP A 438 -7.54 -30.19 -21.64
N GLN A 439 -6.63 -30.87 -22.28
CA GLN A 439 -6.76 -31.37 -23.66
C GLN A 439 -8.07 -32.10 -23.90
N ALA A 440 -8.50 -33.02 -23.06
CA ALA A 440 -9.76 -33.71 -23.26
C ALA A 440 -10.82 -32.64 -23.14
N TRP A 441 -10.76 -31.71 -22.21
CA TRP A 441 -11.78 -30.65 -22.09
C TRP A 441 -12.00 -29.78 -23.34
N ARG A 442 -10.87 -29.34 -23.83
CA ARG A 442 -10.55 -28.53 -24.95
C ARG A 442 -11.02 -29.16 -26.25
N ASP A 443 -10.51 -30.37 -26.45
CA ASP A 443 -10.79 -31.18 -27.65
C ASP A 443 -12.23 -31.67 -27.63
N GLY A 444 -12.94 -31.90 -26.55
CA GLY A 444 -14.33 -32.34 -26.49
C GLY A 444 -14.52 -33.81 -26.16
N VAL A 445 -13.39 -34.48 -26.11
CA VAL A 445 -13.23 -35.90 -25.80
C VAL A 445 -13.81 -36.14 -24.41
N PRO A 446 -14.52 -37.25 -24.31
CA PRO A 446 -15.12 -37.62 -22.99
C PRO A 446 -13.85 -37.83 -22.20
N VAL A 447 -13.83 -37.49 -20.93
CA VAL A 447 -12.51 -37.62 -20.22
C VAL A 447 -12.05 -39.05 -20.10
N LEU A 448 -13.02 -39.84 -19.79
CA LEU A 448 -12.88 -41.25 -19.55
C LEU A 448 -12.40 -41.96 -20.77
N ASP A 449 -12.73 -41.52 -21.94
CA ASP A 449 -12.26 -42.21 -23.19
C ASP A 449 -10.80 -41.85 -23.39
N TYR A 450 -10.50 -40.59 -23.11
CA TYR A 450 -9.18 -39.94 -23.17
C TYR A 450 -8.17 -40.48 -22.16
N ALA A 451 -8.68 -40.81 -20.98
CA ALA A 451 -8.05 -41.39 -19.81
C ALA A 451 -7.54 -42.78 -20.23
N ARG A 452 -8.40 -43.48 -20.96
CA ARG A 452 -8.05 -44.84 -21.45
C ARG A 452 -6.73 -44.77 -22.21
N GLU A 453 -6.56 -43.84 -23.14
CA GLU A 453 -5.32 -43.69 -23.91
C GLU A 453 -4.22 -42.85 -23.29
N HIS A 454 -4.53 -42.23 -22.16
CA HIS A 454 -3.72 -41.36 -21.32
C HIS A 454 -3.52 -41.78 -19.87
N LYS A 455 -2.38 -42.38 -19.76
CA LYS A 455 -1.75 -42.97 -18.58
C LYS A 455 -2.11 -42.30 -17.28
N GLU A 456 -1.43 -41.21 -17.00
CA GLU A 456 -1.46 -40.36 -15.83
C GLU A 456 -2.83 -39.80 -15.52
N LEU A 457 -3.62 -39.53 -16.53
CA LEU A 457 -4.97 -39.04 -16.29
C LEU A 457 -5.75 -40.25 -15.79
N ALA A 458 -5.39 -41.36 -16.42
CA ALA A 458 -5.97 -42.68 -16.14
C ALA A 458 -5.72 -43.12 -14.70
N ARG A 459 -4.46 -42.95 -14.31
CA ARG A 459 -3.95 -43.25 -12.97
C ARG A 459 -4.36 -42.30 -11.86
N ALA A 460 -5.07 -41.30 -12.20
CA ALA A 460 -5.61 -40.21 -11.45
C ALA A 460 -6.94 -40.67 -10.94
N PHE A 461 -7.59 -41.36 -11.86
CA PHE A 461 -8.93 -41.94 -11.63
C PHE A 461 -8.97 -42.65 -10.29
N GLU A 462 -7.99 -43.45 -10.02
CA GLU A 462 -7.53 -44.32 -8.98
C GLU A 462 -6.81 -43.59 -7.85
N SER A 463 -6.33 -42.41 -8.21
CA SER A 463 -5.57 -41.57 -7.26
C SER A 463 -6.57 -40.87 -6.37
N PHE A 464 -7.78 -40.74 -6.90
CA PHE A 464 -8.88 -40.05 -6.18
C PHE A 464 -10.12 -40.79 -6.67
N PRO A 465 -10.34 -41.98 -6.11
CA PRO A 465 -11.42 -42.89 -6.50
C PRO A 465 -12.74 -42.54 -5.85
N GLY A 466 -12.53 -41.70 -4.85
CA GLY A 466 -13.63 -41.18 -4.05
C GLY A 466 -14.38 -40.21 -4.98
N ASP A 467 -13.63 -39.33 -5.60
CA ASP A 467 -14.24 -38.31 -6.49
C ASP A 467 -14.76 -38.83 -7.82
N ALA A 468 -14.10 -39.85 -8.34
CA ALA A 468 -14.45 -40.51 -9.59
C ALA A 468 -15.87 -41.02 -9.46
N ASP A 469 -16.35 -42.06 -8.84
CA ASP A 469 -17.79 -42.35 -8.79
C ASP A 469 -18.66 -41.08 -8.85
N GLN A 470 -18.63 -40.30 -7.79
CA GLN A 470 -19.36 -39.04 -7.67
C GLN A 470 -19.56 -38.37 -9.05
N ILE A 471 -18.45 -37.79 -9.49
CA ILE A 471 -18.29 -37.05 -10.74
C ILE A 471 -18.54 -37.89 -11.98
N TYR A 472 -17.76 -38.93 -12.16
CA TYR A 472 -17.76 -39.92 -13.24
C TYR A 472 -17.87 -41.43 -12.93
N PRO A 473 -19.07 -41.99 -12.71
CA PRO A 473 -19.28 -43.41 -12.38
C PRO A 473 -19.18 -44.41 -13.52
N GLY A 474 -18.34 -45.41 -13.27
CA GLY A 474 -18.10 -46.51 -14.21
C GLY A 474 -16.71 -46.44 -14.80
N TRP A 475 -15.92 -45.59 -14.17
CA TRP A 475 -14.54 -45.32 -14.63
C TRP A 475 -13.58 -46.48 -14.62
N ARG A 476 -13.81 -47.29 -13.62
CA ARG A 476 -13.12 -48.54 -13.33
C ARG A 476 -13.67 -49.46 -14.43
N LYS A 477 -15.00 -49.43 -14.51
CA LYS A 477 -15.71 -50.23 -15.53
C LYS A 477 -15.04 -50.02 -16.88
N ALA A 478 -14.80 -48.78 -17.30
CA ALA A 478 -14.17 -48.34 -18.56
C ALA A 478 -12.69 -48.71 -18.67
N LEU A 479 -12.12 -49.06 -17.57
CA LEU A 479 -10.89 -49.49 -17.05
C LEU A 479 -10.10 -48.42 -16.26
N GLY A 480 -9.71 -48.92 -15.13
CA GLY A 480 -8.97 -48.57 -13.93
C GLY A 480 -8.74 -49.88 -13.14
N VAL A 481 -9.87 -50.55 -12.92
CA VAL A 481 -10.08 -51.93 -12.32
C VAL A 481 -9.16 -52.41 -11.21
N GLN B 27 3.18 -28.83 12.29
CA GLN B 27 3.57 -27.54 12.92
C GLN B 27 3.91 -27.74 14.42
N SER B 28 3.13 -27.01 15.27
CA SER B 28 3.29 -26.91 16.78
C SER B 28 4.75 -27.29 17.08
N SER B 29 5.21 -27.95 18.09
CA SER B 29 6.60 -28.27 18.46
C SER B 29 7.80 -27.74 17.70
N ARG B 30 7.75 -27.79 16.41
CA ARG B 30 8.75 -27.26 15.48
C ARG B 30 8.78 -25.73 15.72
N TYR B 31 7.79 -24.97 15.31
CA TYR B 31 7.68 -23.52 15.44
C TYR B 31 7.48 -22.85 16.77
N VAL B 32 7.28 -23.42 17.89
CA VAL B 32 7.05 -22.88 19.22
C VAL B 32 8.26 -23.30 20.02
N ASN B 33 8.63 -22.61 21.03
CA ASN B 33 9.70 -22.78 21.98
C ASN B 33 9.49 -21.66 23.01
N LEU B 34 8.63 -21.94 23.94
CA LEU B 34 8.34 -20.98 25.01
C LEU B 34 9.37 -21.05 26.11
N ALA B 35 10.64 -21.38 25.94
CA ALA B 35 11.63 -21.48 27.02
C ALA B 35 12.80 -20.53 26.76
N LEU B 36 12.53 -19.82 25.69
CA LEU B 36 13.38 -18.77 25.12
C LEU B 36 13.01 -17.50 25.92
N LYS B 37 14.03 -16.85 26.38
CA LYS B 37 13.74 -15.65 27.16
C LYS B 37 13.98 -14.55 26.15
N GLU B 38 13.07 -13.62 26.25
CA GLU B 38 13.00 -12.42 25.42
C GLU B 38 14.20 -11.54 25.64
N GLU B 39 14.77 -11.55 26.83
CA GLU B 39 15.96 -10.76 27.14
C GLU B 39 17.11 -11.26 26.27
N ASP B 40 17.20 -12.57 26.17
CA ASP B 40 18.14 -13.44 25.50
C ASP B 40 18.08 -13.17 24.02
N LEU B 41 16.91 -13.21 23.45
CA LEU B 41 16.78 -12.92 22.01
C LEU B 41 17.12 -11.47 21.72
N ILE B 42 17.00 -10.57 22.67
CA ILE B 42 17.29 -9.17 22.48
C ILE B 42 18.78 -9.07 22.35
N ALA B 43 19.37 -9.64 23.35
CA ALA B 43 20.75 -9.83 23.74
C ALA B 43 21.71 -10.29 22.66
N GLY B 44 21.34 -11.32 21.94
CA GLY B 44 22.10 -11.83 20.80
C GLY B 44 21.97 -10.81 19.64
N GLY B 45 20.81 -10.18 19.53
CA GLY B 45 20.47 -9.18 18.52
C GLY B 45 20.65 -9.70 17.10
N GLU B 46 19.98 -10.82 16.91
CA GLU B 46 19.91 -11.58 15.68
C GLU B 46 18.55 -12.17 15.45
N HIS B 47 17.51 -11.49 15.84
CA HIS B 47 16.15 -11.99 15.67
C HIS B 47 15.27 -10.77 15.71
N VAL B 48 14.37 -10.55 14.81
CA VAL B 48 13.42 -9.42 14.70
C VAL B 48 12.30 -9.91 15.59
N LEU B 49 11.72 -9.30 16.54
CA LEU B 49 10.63 -9.88 17.32
C LEU B 49 9.37 -9.09 17.02
N CYS B 50 8.24 -9.65 16.79
CA CYS B 50 7.02 -8.90 16.54
C CYS B 50 6.06 -9.40 17.60
N ALA B 51 5.10 -8.60 17.92
CA ALA B 51 4.07 -8.90 18.92
C ALA B 51 2.69 -8.58 18.32
N TYR B 52 1.82 -9.56 18.46
CA TYR B 52 0.49 -9.43 17.92
C TYR B 52 -0.68 -9.69 18.85
N ILE B 53 -1.82 -9.20 18.47
CA ILE B 53 -3.13 -9.34 19.06
C ILE B 53 -3.79 -10.15 17.93
N MET B 54 -4.01 -11.45 18.08
CA MET B 54 -4.63 -12.46 17.24
C MET B 54 -5.46 -13.40 18.13
N LYS B 55 -6.47 -13.88 17.49
CA LYS B 55 -7.47 -14.82 18.00
C LYS B 55 -7.68 -15.81 16.85
N PRO B 56 -7.49 -17.06 17.18
CA PRO B 56 -7.68 -18.20 16.27
C PRO B 56 -9.19 -18.25 16.02
N LYS B 57 -9.67 -18.94 14.99
CA LYS B 57 -11.10 -18.99 14.65
C LYS B 57 -11.87 -20.11 15.28
N ALA B 58 -13.17 -20.13 15.13
CA ALA B 58 -13.99 -21.24 15.69
C ALA B 58 -13.38 -22.06 16.84
N GLY B 59 -12.60 -23.11 16.70
CA GLY B 59 -12.12 -23.81 17.92
C GLY B 59 -10.87 -24.58 17.58
N TYR B 60 -9.89 -23.74 17.51
CA TYR B 60 -8.51 -24.06 17.18
C TYR B 60 -7.71 -23.60 18.40
N GLY B 61 -6.77 -24.45 18.75
CA GLY B 61 -5.89 -24.17 19.89
C GLY B 61 -5.17 -22.84 19.72
N TYR B 62 -4.95 -22.16 20.85
CA TYR B 62 -4.23 -20.90 20.76
C TYR B 62 -2.84 -21.26 20.23
N VAL B 63 -1.94 -21.83 20.99
CA VAL B 63 -0.62 -22.18 20.52
C VAL B 63 -0.43 -22.74 19.15
N ALA B 64 -1.24 -23.56 18.63
CA ALA B 64 -1.30 -24.25 17.37
C ALA B 64 -1.31 -23.38 16.12
N THR B 65 -2.20 -22.43 16.17
CA THR B 65 -2.60 -21.39 15.26
C THR B 65 -1.57 -20.37 14.89
N ALA B 66 -0.78 -20.13 15.88
CA ALA B 66 0.34 -19.28 16.15
C ALA B 66 1.62 -19.91 15.61
N ALA B 67 1.57 -21.23 15.82
CA ALA B 67 2.68 -22.09 15.39
C ALA B 67 2.43 -22.20 13.88
N HIS B 68 1.17 -22.24 13.49
CA HIS B 68 0.87 -22.32 12.05
C HIS B 68 1.25 -20.94 11.57
N PHE B 69 0.76 -19.84 12.07
CA PHE B 69 1.15 -18.49 11.62
C PHE B 69 2.66 -18.28 11.53
N ALA B 70 3.46 -18.83 12.39
CA ALA B 70 4.92 -18.79 12.45
C ALA B 70 5.42 -19.47 11.19
N ALA B 71 4.83 -20.59 10.88
CA ALA B 71 5.04 -21.45 9.71
C ALA B 71 4.57 -20.59 8.53
N GLU B 72 3.33 -20.10 8.46
CA GLU B 72 3.01 -19.26 7.28
C GLU B 72 4.03 -18.15 7.18
N SER B 73 4.27 -17.07 7.86
CA SER B 73 5.39 -16.14 7.64
C SER B 73 6.71 -16.77 7.28
N SER B 74 7.52 -17.32 8.11
CA SER B 74 8.81 -17.96 7.91
C SER B 74 9.10 -18.94 6.78
N THR B 75 9.10 -20.23 7.07
CA THR B 75 9.37 -21.36 6.16
C THR B 75 8.11 -22.13 5.79
N GLY B 76 7.69 -22.99 6.71
CA GLY B 76 6.46 -23.82 6.61
C GLY B 76 6.65 -25.32 6.40
N THR B 77 7.56 -25.44 5.42
CA THR B 77 8.14 -26.57 4.74
C THR B 77 6.92 -27.43 4.43
N GLY B 90 15.99 -17.55 13.89
CA GLY B 90 16.69 -18.83 13.47
C GLY B 90 16.95 -18.86 11.95
N VAL B 91 16.05 -19.71 11.33
CA VAL B 91 15.64 -19.68 9.93
C VAL B 91 14.15 -19.77 9.97
N ASP B 92 13.73 -20.62 10.84
CA ASP B 92 12.33 -20.96 11.15
C ASP B 92 11.77 -19.89 12.06
N ALA B 93 10.53 -19.50 11.96
CA ALA B 93 10.08 -18.45 12.87
C ALA B 93 9.44 -19.18 14.04
N LEU B 94 9.91 -18.84 15.20
CA LEU B 94 9.57 -19.36 16.51
C LEU B 94 8.79 -18.47 17.46
N VAL B 95 7.61 -18.80 17.84
CA VAL B 95 6.73 -18.14 18.82
C VAL B 95 7.40 -18.31 20.19
N TYR B 96 7.85 -17.27 20.85
CA TYR B 96 8.50 -17.45 22.15
C TYR B 96 7.63 -16.99 23.31
N GLU B 97 6.43 -16.48 23.07
CA GLU B 97 5.59 -15.99 24.19
C GLU B 97 4.17 -15.83 23.70
N VAL B 98 3.30 -16.50 24.43
CA VAL B 98 1.87 -16.63 24.21
C VAL B 98 1.16 -16.34 25.52
N ASP B 99 -0.05 -15.86 25.35
CA ASP B 99 -0.96 -15.49 26.44
C ASP B 99 -2.21 -15.40 25.59
N GLU B 100 -2.98 -16.43 25.75
CA GLU B 100 -4.24 -16.77 25.11
C GLU B 100 -5.41 -15.96 25.62
N ALA B 101 -5.25 -15.61 26.90
CA ALA B 101 -6.21 -14.81 27.68
C ALA B 101 -6.16 -13.38 27.17
N ARG B 102 -4.98 -12.85 26.94
CA ARG B 102 -4.68 -11.51 26.44
C ARG B 102 -4.67 -11.30 24.93
N GLU B 103 -4.61 -12.43 24.27
CA GLU B 103 -4.54 -12.58 22.82
C GLU B 103 -3.11 -12.24 22.39
N LEU B 104 -2.09 -12.92 22.93
CA LEU B 104 -0.73 -12.57 22.55
C LEU B 104 0.24 -13.63 22.08
N THR B 105 0.72 -13.35 20.90
CA THR B 105 1.67 -14.16 20.16
C THR B 105 2.82 -13.20 19.97
N LYS B 106 3.99 -13.55 20.26
CA LYS B 106 5.26 -12.88 20.19
C LYS B 106 6.04 -13.98 19.49
N ILE B 107 6.65 -13.63 18.40
CA ILE B 107 7.45 -14.39 17.46
C ILE B 107 8.78 -13.73 17.13
N ALA B 108 9.79 -14.54 17.04
CA ALA B 108 11.19 -14.31 16.77
C ALA B 108 11.64 -14.72 15.39
N TYR B 109 11.78 -13.89 14.42
CA TYR B 109 12.17 -14.12 13.07
C TYR B 109 13.66 -13.90 12.92
N PRO B 110 14.47 -14.86 12.51
CA PRO B 110 15.91 -14.67 12.35
C PRO B 110 16.08 -13.62 11.29
N VAL B 111 17.11 -12.83 11.34
CA VAL B 111 17.49 -11.70 10.48
C VAL B 111 18.00 -12.22 9.14
N ALA B 112 18.15 -13.51 9.07
CA ALA B 112 18.60 -14.26 7.93
C ALA B 112 17.53 -14.33 6.86
N LEU B 113 16.26 -14.32 7.22
CA LEU B 113 15.00 -14.40 6.49
C LEU B 113 14.59 -13.20 5.63
N PHE B 114 15.16 -12.13 6.06
CA PHE B 114 15.02 -10.72 5.65
C PHE B 114 16.02 -10.57 4.53
N ASP B 115 15.39 -10.16 3.48
CA ASP B 115 16.02 -9.89 2.19
C ASP B 115 16.74 -8.55 2.29
N ARG B 116 17.65 -8.44 1.34
CA ARG B 116 18.45 -7.25 1.17
C ARG B 116 18.88 -7.04 -0.25
N ASN B 117 19.18 -5.83 -0.55
CA ASN B 117 19.63 -5.41 -1.85
C ASN B 117 20.90 -6.11 -2.34
N ILE B 118 20.99 -6.33 -3.66
CA ILE B 118 22.09 -6.93 -4.41
C ILE B 118 23.09 -5.84 -4.80
N THR B 119 22.61 -4.64 -4.80
CA THR B 119 23.25 -3.40 -5.11
C THR B 119 23.98 -2.80 -3.92
N ASP B 120 23.27 -2.34 -2.94
CA ASP B 120 23.51 -1.68 -1.69
C ASP B 120 24.04 -2.53 -0.57
N GLY B 121 23.38 -3.64 -0.40
CA GLY B 121 23.51 -4.71 0.52
C GLY B 121 22.58 -4.52 1.72
N LYS B 122 21.78 -3.49 1.64
CA LYS B 122 20.82 -2.88 2.47
C LYS B 122 19.43 -3.43 2.55
N ALA B 123 18.81 -3.32 3.69
CA ALA B 123 17.49 -3.77 3.96
C ALA B 123 16.46 -2.94 3.21
N MET B 124 15.34 -3.59 3.15
CA MET B 124 14.06 -3.23 2.52
C MET B 124 12.86 -3.47 3.41
N ILE B 125 11.88 -2.60 3.54
CA ILE B 125 10.67 -2.60 4.30
C ILE B 125 9.67 -3.56 3.68
N ALA B 126 9.61 -3.69 2.38
CA ALA B 126 8.71 -4.57 1.64
C ALA B 126 8.83 -5.98 2.15
N SER B 127 9.98 -6.39 2.56
CA SER B 127 10.31 -7.70 3.07
C SER B 127 9.81 -7.92 4.47
N PHE B 128 9.98 -6.92 5.27
CA PHE B 128 9.61 -6.80 6.66
C PHE B 128 8.11 -6.96 6.68
N LEU B 129 7.44 -6.35 5.76
CA LEU B 129 6.02 -6.36 5.49
C LEU B 129 5.52 -7.67 4.86
N THR B 130 6.09 -8.33 3.90
CA THR B 130 5.65 -9.55 3.29
C THR B 130 5.76 -10.79 4.16
N LEU B 131 6.84 -10.81 4.92
CA LEU B 131 7.21 -11.84 5.87
C LEU B 131 6.41 -11.74 7.15
N THR B 132 6.30 -10.64 7.86
CA THR B 132 5.57 -10.44 9.11
C THR B 132 4.11 -9.95 9.07
N MET B 133 3.58 -9.44 8.02
CA MET B 133 2.30 -8.92 7.62
C MET B 133 1.59 -9.70 6.47
N GLY B 134 2.14 -9.89 5.30
CA GLY B 134 1.67 -10.56 4.16
C GLY B 134 0.46 -11.42 3.94
N ASN B 135 0.76 -12.37 3.21
CA ASN B 135 0.09 -13.60 2.80
C ASN B 135 -0.41 -14.36 4.05
N ASN B 136 0.37 -14.31 5.03
CA ASN B 136 0.27 -14.75 6.44
C ASN B 136 -0.95 -14.05 7.02
N GLN B 137 -1.19 -12.81 6.62
CA GLN B 137 -2.29 -11.96 7.00
C GLN B 137 -3.53 -12.84 6.81
N GLY B 138 -3.65 -13.26 5.57
CA GLY B 138 -4.75 -14.16 5.16
C GLY B 138 -4.49 -15.64 5.52
N MET B 139 -5.47 -16.21 6.12
CA MET B 139 -5.46 -17.41 6.81
C MET B 139 -6.91 -17.55 7.23
N GLY B 140 -7.12 -18.82 7.46
CA GLY B 140 -8.29 -19.59 7.90
C GLY B 140 -7.67 -20.40 9.07
N ASP B 141 -8.30 -20.18 10.19
CA ASP B 141 -7.90 -20.74 11.48
C ASP B 141 -7.34 -19.54 12.26
N VAL B 142 -7.32 -18.42 11.57
CA VAL B 142 -6.84 -17.09 11.93
C VAL B 142 -7.79 -16.05 11.32
N GLU B 143 -8.42 -15.50 12.30
CA GLU B 143 -9.42 -14.50 12.48
C GLU B 143 -9.02 -13.05 12.24
N TYR B 144 -8.04 -12.66 13.01
CA TYR B 144 -7.42 -11.37 13.05
C TYR B 144 -6.18 -11.57 13.93
N ALA B 145 -5.30 -10.76 13.43
CA ALA B 145 -3.96 -10.69 14.03
C ALA B 145 -3.57 -9.28 13.62
N LYS B 146 -3.10 -8.48 14.53
CA LYS B 146 -2.69 -7.11 14.21
C LYS B 146 -1.30 -7.01 14.77
N MET B 147 -0.34 -6.39 14.16
CA MET B 147 1.00 -6.22 14.68
C MET B 147 0.79 -4.94 15.52
N HIS B 148 1.27 -5.02 16.72
CA HIS B 148 1.17 -3.93 17.68
C HIS B 148 2.52 -3.32 18.01
N ASP B 149 3.59 -4.00 17.81
CA ASP B 149 4.92 -3.47 18.09
C ASP B 149 5.99 -4.37 17.52
N PHE B 150 7.20 -3.95 17.36
CA PHE B 150 8.30 -4.76 16.83
C PHE B 150 9.65 -4.33 17.32
N TYR B 151 10.54 -5.27 17.28
CA TYR B 151 11.88 -4.92 17.72
C TYR B 151 12.90 -5.25 16.66
N VAL B 152 13.75 -4.35 16.22
CA VAL B 152 14.77 -4.65 15.22
C VAL B 152 16.12 -4.64 15.93
N PRO B 153 16.77 -5.77 15.82
CA PRO B 153 18.09 -5.97 16.40
C PRO B 153 18.95 -4.87 15.86
N GLU B 154 20.17 -4.85 16.27
CA GLU B 154 21.27 -3.93 16.00
C GLU B 154 21.81 -4.10 14.60
N ALA B 155 22.22 -5.30 14.36
CA ALA B 155 22.70 -5.76 13.09
C ALA B 155 21.71 -5.36 12.02
N TYR B 156 20.46 -5.71 12.13
CA TYR B 156 19.40 -5.44 11.18
C TYR B 156 18.79 -4.07 11.07
N ARG B 157 18.76 -3.33 12.16
CA ARG B 157 18.21 -1.99 12.24
C ARG B 157 19.11 -1.06 11.45
N ALA B 158 20.37 -1.34 11.36
CA ALA B 158 21.46 -0.65 10.71
C ALA B 158 21.60 -0.80 9.22
N LEU B 159 20.82 -1.68 8.64
CA LEU B 159 20.87 -1.85 7.20
C LEU B 159 19.77 -1.01 6.59
N PHE B 160 18.85 -0.38 7.25
CA PHE B 160 17.82 0.45 6.74
C PHE B 160 18.37 1.85 6.53
N ASP B 161 17.72 2.62 5.71
CA ASP B 161 17.97 4.01 5.35
C ASP B 161 17.79 5.02 6.50
N GLY B 162 16.78 5.08 7.37
CA GLY B 162 16.63 6.04 8.47
C GLY B 162 16.51 7.41 7.89
N PRO B 163 16.03 8.41 8.58
CA PRO B 163 15.87 9.74 7.95
C PRO B 163 17.18 10.33 7.46
N SER B 164 17.20 11.32 6.59
CA SER B 164 18.43 11.93 6.06
C SER B 164 18.59 13.37 6.56
N VAL B 165 17.44 13.95 6.73
CA VAL B 165 17.15 15.32 7.16
C VAL B 165 15.95 15.19 8.07
N ASN B 166 15.58 16.14 8.87
CA ASN B 166 14.43 16.17 9.77
C ASN B 166 14.13 17.63 10.11
N ILE B 167 13.45 17.98 11.16
CA ILE B 167 13.15 19.40 11.42
C ILE B 167 14.36 20.24 11.51
N SER B 168 15.55 19.83 11.80
CA SER B 168 16.72 20.69 11.91
C SER B 168 17.15 21.36 10.66
N ALA B 169 16.62 20.94 9.56
CA ALA B 169 16.87 21.42 8.21
C ALA B 169 15.96 22.62 7.93
N LEU B 170 14.80 22.52 8.52
CA LEU B 170 13.72 23.49 8.43
C LEU B 170 14.29 24.54 9.39
N TRP B 171 14.63 24.18 10.59
CA TRP B 171 15.21 25.06 11.60
C TRP B 171 16.38 25.84 11.02
N LYS B 172 17.35 25.16 10.47
CA LYS B 172 18.49 25.81 9.82
C LYS B 172 17.91 26.69 8.73
N VAL B 173 16.83 26.63 8.03
CA VAL B 173 16.45 27.57 6.98
C VAL B 173 15.67 28.77 7.46
N LEU B 174 14.96 28.59 8.54
CA LEU B 174 14.14 29.56 9.25
C LEU B 174 15.03 30.43 10.16
N GLY B 175 16.27 30.14 10.25
CA GLY B 175 17.42 30.65 10.91
C GLY B 175 17.22 30.50 12.36
N ARG B 176 17.02 29.31 12.80
CA ARG B 176 16.80 28.89 14.19
C ARG B 176 17.88 27.93 14.63
N PRO B 177 17.83 27.60 15.89
CA PRO B 177 18.75 26.62 16.49
C PRO B 177 18.35 25.23 16.01
N GLU B 178 19.30 24.41 15.66
CA GLU B 178 19.06 23.05 15.17
C GLU B 178 18.90 21.98 16.24
N VAL B 179 18.99 22.48 17.45
CA VAL B 179 18.78 21.79 18.70
C VAL B 179 17.78 22.67 19.48
N ASP B 180 16.57 22.16 19.51
CA ASP B 180 15.45 22.80 20.20
C ASP B 180 14.95 24.14 19.65
N GLY B 181 14.93 24.17 18.35
CA GLY B 181 14.53 25.22 17.46
C GLY B 181 13.05 25.49 17.55
N GLY B 182 12.23 24.65 18.10
CA GLY B 182 10.83 24.72 18.30
C GLY B 182 9.90 24.57 17.13
N LEU B 183 8.67 24.94 17.40
CA LEU B 183 7.53 24.93 16.56
C LEU B 183 7.56 25.72 15.29
N VAL B 184 7.19 25.04 14.22
CA VAL B 184 7.07 25.53 12.86
C VAL B 184 5.58 25.68 12.55
N VAL B 185 5.12 26.88 12.23
CA VAL B 185 3.71 27.16 11.93
C VAL B 185 3.36 27.09 10.44
N GLY B 186 2.51 26.11 10.15
CA GLY B 186 1.99 25.79 8.87
C GLY B 186 0.48 25.69 8.73
N THR B 187 0.12 25.32 7.50
CA THR B 187 -1.25 25.15 7.03
C THR B 187 -1.35 24.45 5.69
N ILE B 188 -2.52 23.88 5.47
CA ILE B 188 -2.80 23.19 4.20
C ILE B 188 -3.43 24.32 3.39
N ILE B 189 -2.98 24.51 2.18
CA ILE B 189 -3.65 25.68 1.52
C ILE B 189 -5.09 25.31 1.27
N LYS B 190 -6.06 26.17 1.59
CA LYS B 190 -7.44 25.68 1.28
C LYS B 190 -8.18 26.43 0.20
N PRO B 191 -9.13 25.90 -0.64
CA PRO B 191 -9.58 24.54 -0.59
C PRO B 191 -8.69 23.66 -1.42
N LYS B 192 -8.83 22.41 -1.03
CA LYS B 192 -8.10 21.24 -1.56
C LYS B 192 -7.74 21.40 -3.04
N LEU B 193 -8.75 21.49 -3.88
CA LEU B 193 -8.58 21.61 -5.35
C LEU B 193 -9.55 22.65 -5.87
N GLY B 194 -9.16 23.32 -6.99
CA GLY B 194 -10.05 24.32 -7.66
C GLY B 194 -9.38 25.68 -7.98
N LEU B 195 -8.64 26.21 -6.99
CA LEU B 195 -7.87 27.45 -7.22
C LEU B 195 -6.96 27.28 -8.43
N ARG B 196 -6.95 28.26 -9.26
CA ARG B 196 -6.14 28.23 -10.47
C ARG B 196 -4.70 28.66 -10.06
N PRO B 197 -3.68 28.49 -10.92
CA PRO B 197 -2.26 28.74 -10.59
C PRO B 197 -2.02 29.99 -9.77
N LYS B 198 -2.54 31.07 -10.31
CA LYS B 198 -2.42 32.43 -9.75
C LYS B 198 -3.11 32.57 -8.39
N PRO B 199 -4.44 32.40 -8.26
CA PRO B 199 -5.14 32.52 -6.98
C PRO B 199 -4.52 31.58 -5.93
N PHE B 200 -3.89 30.48 -6.37
CA PHE B 200 -3.26 29.52 -5.42
C PHE B 200 -1.97 30.13 -4.83
N ALA B 201 -1.22 30.69 -5.75
CA ALA B 201 0.06 31.35 -5.48
C ALA B 201 -0.12 32.52 -4.49
N GLU B 202 -1.18 33.28 -4.76
CA GLU B 202 -1.60 34.49 -3.98
C GLU B 202 -2.21 34.13 -2.62
N ALA B 203 -2.71 32.93 -2.47
CA ALA B 203 -3.31 32.49 -1.19
C ALA B 203 -2.20 32.08 -0.28
N CYS B 204 -1.21 31.53 -0.92
CA CYS B 204 0.00 31.03 -0.30
C CYS B 204 0.75 32.22 0.32
N HIS B 205 0.93 33.23 -0.53
CA HIS B 205 1.61 34.48 -0.19
C HIS B 205 0.90 35.16 0.97
N ALA B 206 -0.41 35.16 0.92
CA ALA B 206 -1.19 35.74 1.98
C ALA B 206 -0.71 35.11 3.29
N PHE B 207 -0.93 33.78 3.38
CA PHE B 207 -0.56 33.02 4.60
C PHE B 207 0.90 33.29 5.03
N TRP B 208 1.84 33.18 4.11
CA TRP B 208 3.29 33.35 4.41
C TRP B 208 3.67 34.69 5.05
N LEU B 209 2.69 35.52 5.31
CA LEU B 209 2.98 36.81 5.92
C LEU B 209 2.83 36.68 7.45
N GLY B 210 2.24 35.57 7.88
CA GLY B 210 2.02 35.31 9.31
C GLY B 210 2.52 33.92 9.77
N GLY B 211 2.64 32.98 8.84
CA GLY B 211 3.07 31.59 9.17
C GLY B 211 4.41 31.28 8.51
N ASP B 212 4.83 30.03 8.70
CA ASP B 212 6.13 29.54 8.19
C ASP B 212 6.08 28.45 7.07
N PHE B 213 5.20 27.48 7.24
CA PHE B 213 5.08 26.30 6.33
C PHE B 213 3.67 26.21 5.76
N ILE B 214 3.68 25.92 4.54
CA ILE B 214 2.50 25.70 3.69
C ILE B 214 2.78 24.44 2.87
N LYS B 215 1.77 23.61 2.76
CA LYS B 215 1.86 22.33 2.03
C LYS B 215 0.70 22.14 1.04
N ASN B 216 0.94 21.21 0.11
CA ASN B 216 -0.03 20.78 -0.94
C ASN B 216 -0.97 19.69 -0.30
N ASP B 217 -2.24 19.67 -0.76
CA ASP B 217 -3.30 18.73 -0.21
C ASP B 217 -3.21 17.27 -0.80
N GLU B 218 -3.74 16.29 0.00
CA GLU B 218 -3.72 14.81 -0.33
C GLU B 218 -3.61 14.61 -1.91
N PRO B 219 -4.40 15.29 -2.78
CA PRO B 219 -4.40 15.15 -4.26
C PRO B 219 -3.81 16.31 -5.13
N GLN B 220 -3.70 17.56 -4.68
CA GLN B 220 -3.15 18.65 -5.57
C GLN B 220 -1.91 18.17 -6.35
N GLY B 221 -1.82 18.50 -7.65
CA GLY B 221 -0.68 18.09 -8.49
C GLY B 221 -0.64 18.80 -9.85
N ASN B 222 -0.97 18.01 -10.86
CA ASN B 222 -0.97 18.46 -12.27
C ASN B 222 -2.35 18.29 -12.91
N GLN B 223 -3.36 18.86 -12.26
CA GLN B 223 -4.74 18.82 -12.77
C GLN B 223 -4.81 19.70 -14.00
N PRO B 224 -5.74 19.49 -14.91
CA PRO B 224 -5.87 20.29 -16.12
C PRO B 224 -6.07 21.73 -15.76
N PHE B 225 -6.94 22.10 -14.89
CA PHE B 225 -7.36 23.39 -14.43
C PHE B 225 -6.36 24.09 -13.51
N ALA B 226 -5.19 23.54 -13.25
CA ALA B 226 -4.14 24.05 -12.40
C ALA B 226 -2.86 23.23 -12.43
N PRO B 227 -2.27 23.15 -13.59
CA PRO B 227 -1.07 22.39 -13.85
C PRO B 227 0.09 22.80 -12.98
N LEU B 228 0.85 21.83 -12.61
CA LEU B 228 2.00 21.80 -11.75
C LEU B 228 3.11 22.70 -12.14
N ARG B 229 3.48 22.83 -13.35
CA ARG B 229 4.56 23.67 -13.89
C ARG B 229 4.24 25.16 -13.72
N ASP B 230 3.02 25.54 -14.00
CA ASP B 230 2.33 26.82 -13.95
C ASP B 230 2.17 27.22 -12.50
N THR B 231 1.68 26.38 -11.64
CA THR B 231 1.53 26.55 -10.19
C THR B 231 2.89 26.47 -9.52
N ILE B 232 3.78 25.55 -9.68
CA ILE B 232 5.07 25.62 -8.97
C ILE B 232 5.87 26.85 -9.29
N ALA B 233 5.82 27.34 -10.51
CA ALA B 233 6.52 28.50 -11.06
C ALA B 233 6.15 29.83 -10.37
N LEU B 234 4.90 29.98 -10.14
CA LEU B 234 4.16 31.04 -9.55
C LEU B 234 4.15 30.90 -8.05
N VAL B 235 4.38 29.73 -7.52
CA VAL B 235 4.38 29.57 -6.04
C VAL B 235 5.80 29.97 -5.64
N ALA B 236 6.74 29.77 -6.51
CA ALA B 236 8.13 30.08 -6.33
C ALA B 236 8.23 31.56 -6.06
N ASP B 237 7.55 32.46 -6.69
CA ASP B 237 7.51 33.89 -6.67
C ASP B 237 6.93 34.51 -5.44
N ALA B 238 5.89 33.89 -4.98
CA ALA B 238 5.07 34.19 -3.84
C ALA B 238 5.88 33.95 -2.61
N MET B 239 6.89 33.16 -2.73
CA MET B 239 7.90 32.72 -1.80
C MET B 239 8.89 33.87 -1.69
N ARG B 240 9.44 34.23 -2.78
CA ARG B 240 10.39 35.31 -2.97
C ARG B 240 9.69 36.61 -2.56
N ARG B 241 8.46 36.86 -2.88
CA ARG B 241 7.74 38.07 -2.50
C ARG B 241 7.55 38.22 -1.00
N ALA B 242 6.82 37.37 -0.35
CA ALA B 242 6.50 37.32 1.07
C ALA B 242 7.78 37.25 1.86
N GLN B 243 8.80 36.57 1.43
CA GLN B 243 10.09 36.46 2.07
C GLN B 243 10.72 37.86 2.05
N ASP B 244 10.50 38.66 1.05
CA ASP B 244 11.02 40.01 0.87
C ASP B 244 10.40 41.16 1.67
N GLU B 245 9.14 41.06 1.96
CA GLU B 245 8.22 41.89 2.68
C GLU B 245 8.30 41.66 4.18
N THR B 246 8.31 40.43 4.53
CA THR B 246 8.34 39.88 5.84
C THR B 246 9.74 39.88 6.35
N GLY B 247 10.75 39.58 5.61
CA GLY B 247 12.14 39.51 6.09
C GLY B 247 12.44 38.19 6.80
N GLU B 248 11.70 37.16 6.51
CA GLU B 248 11.77 35.83 7.07
C GLU B 248 11.88 34.76 6.01
N ALA B 249 12.41 33.60 6.22
CA ALA B 249 12.59 32.48 5.35
C ALA B 249 11.31 31.72 5.59
N LYS B 250 10.76 31.28 4.53
CA LYS B 250 9.51 30.54 4.42
C LYS B 250 9.75 29.25 3.63
N LEU B 251 8.96 28.26 3.97
CA LEU B 251 8.92 26.91 3.45
C LEU B 251 7.64 26.43 2.78
N PHE B 252 7.84 25.68 1.72
CA PHE B 252 6.75 25.07 0.98
C PHE B 252 6.98 23.54 0.92
N SER B 253 5.90 22.83 0.90
CA SER B 253 5.90 21.38 0.82
C SER B 253 5.12 21.03 -0.45
N ALA B 254 5.82 20.70 -1.52
CA ALA B 254 5.30 20.38 -2.89
C ALA B 254 5.02 18.87 -3.06
N ASN B 255 3.82 18.51 -3.46
CA ASN B 255 3.46 17.08 -3.65
C ASN B 255 4.09 16.57 -4.96
N ILE B 256 4.90 15.52 -4.84
CA ILE B 256 5.56 14.90 -6.02
C ILE B 256 5.20 13.42 -6.16
N THR B 257 4.17 13.00 -5.43
CA THR B 257 3.68 11.62 -5.46
C THR B 257 3.22 11.32 -6.87
N ALA B 258 3.49 10.11 -7.25
CA ALA B 258 3.13 9.60 -8.57
C ALA B 258 3.31 8.08 -8.54
N ASP B 259 2.97 7.46 -9.65
CA ASP B 259 3.07 5.99 -9.79
C ASP B 259 4.52 5.61 -10.22
N ASP B 260 4.90 6.14 -11.37
CA ASP B 260 6.23 5.91 -11.98
C ASP B 260 7.28 6.69 -11.19
N PRO B 261 8.34 6.04 -10.67
CA PRO B 261 9.43 6.69 -9.93
C PRO B 261 10.16 7.71 -10.75
N PHE B 262 10.05 7.61 -12.06
CA PHE B 262 10.77 8.54 -12.96
C PHE B 262 9.97 9.83 -13.19
N GLU B 263 8.70 9.78 -12.79
CA GLU B 263 7.80 10.95 -12.89
C GLU B 263 7.76 11.61 -11.51
N ILE B 264 8.11 10.82 -10.48
CA ILE B 264 8.18 11.34 -9.10
C ILE B 264 9.45 12.22 -9.06
N ILE B 265 10.52 11.65 -9.63
CA ILE B 265 11.85 12.29 -9.72
C ILE B 265 11.70 13.61 -10.56
N ALA B 266 10.94 13.49 -11.66
CA ALA B 266 10.67 14.61 -12.63
C ALA B 266 10.01 15.85 -11.96
N ARG B 267 9.07 15.60 -11.03
CA ARG B 267 8.38 16.68 -10.29
C ARG B 267 9.32 17.17 -9.23
N GLY B 268 9.98 16.21 -8.62
CA GLY B 268 10.97 16.48 -7.62
C GLY B 268 11.91 17.55 -8.21
N GLU B 269 12.55 17.16 -9.31
CA GLU B 269 13.54 18.01 -10.03
C GLU B 269 12.94 19.26 -10.61
N TYR B 270 11.74 19.18 -11.12
CA TYR B 270 11.19 20.38 -11.64
C TYR B 270 11.03 21.33 -10.47
N VAL B 271 10.31 20.88 -9.46
CA VAL B 271 9.99 21.72 -8.26
C VAL B 271 11.22 22.42 -7.59
N LEU B 272 12.40 21.81 -7.58
CA LEU B 272 13.60 22.45 -6.95
C LEU B 272 14.38 23.33 -7.93
N GLU B 273 14.25 23.03 -9.21
CA GLU B 273 14.94 23.80 -10.24
C GLU B 273 14.27 25.18 -10.33
N THR B 274 12.95 25.16 -10.02
CA THR B 274 12.14 26.38 -10.18
C THR B 274 12.21 27.26 -8.89
N PHE B 275 12.55 26.66 -7.74
CA PHE B 275 12.65 27.44 -6.48
C PHE B 275 13.99 28.10 -6.43
N GLY B 276 14.79 27.65 -7.35
CA GLY B 276 16.13 28.13 -7.53
C GLY B 276 16.90 28.16 -6.22
N GLU B 277 17.09 29.38 -5.78
CA GLU B 277 17.86 29.77 -4.59
C GLU B 277 17.18 29.34 -3.26
N ASN B 278 15.88 29.25 -3.34
CA ASN B 278 15.00 28.92 -2.22
C ASN B 278 14.70 27.38 -2.17
N ALA B 279 15.52 26.62 -2.89
CA ALA B 279 15.38 25.14 -3.05
C ALA B 279 15.66 24.31 -1.76
N SER B 280 16.18 24.96 -0.74
CA SER B 280 16.48 24.30 0.56
C SER B 280 15.33 24.55 1.53
N HIS B 281 14.31 25.19 0.94
CA HIS B 281 13.05 25.62 1.62
C HIS B 281 11.87 24.77 1.24
N VAL B 282 12.10 23.93 0.28
CA VAL B 282 11.06 23.06 -0.23
C VAL B 282 11.14 21.68 0.40
N ALA B 283 10.04 21.32 0.96
CA ALA B 283 9.87 20.02 1.51
C ALA B 283 9.28 19.26 0.32
N LEU B 284 9.49 17.99 0.24
CA LEU B 284 8.92 17.19 -0.86
C LEU B 284 7.93 16.26 -0.18
N LEU B 285 6.68 16.40 -0.52
CA LEU B 285 5.61 15.65 0.13
C LEU B 285 5.22 14.40 -0.71
N VAL B 286 5.47 13.24 -0.11
CA VAL B 286 5.15 11.95 -0.72
C VAL B 286 4.09 11.23 0.09
N ASP B 287 3.05 10.82 -0.60
CA ASP B 287 1.95 10.09 0.01
C ASP B 287 2.30 8.62 -0.01
N GLY B 288 3.05 8.31 0.99
CA GLY B 288 3.64 7.00 1.19
C GLY B 288 2.68 5.86 1.48
N TYR B 289 1.44 6.08 1.81
CA TYR B 289 0.60 4.91 2.10
C TYR B 289 -0.12 4.44 0.84
N VAL B 290 -0.38 5.41 0.02
CA VAL B 290 -1.14 5.29 -1.18
C VAL B 290 -0.33 4.94 -2.46
N ALA B 291 0.95 5.32 -2.50
CA ALA B 291 1.83 5.01 -3.66
C ALA B 291 2.83 3.91 -3.27
N GLY B 292 2.98 3.73 -1.97
CA GLY B 292 3.83 2.66 -1.38
C GLY B 292 5.28 3.05 -1.05
N ALA B 293 5.95 1.99 -0.59
CA ALA B 293 7.36 1.93 -0.14
C ALA B 293 8.36 2.47 -1.18
N ALA B 294 8.09 2.16 -2.43
CA ALA B 294 8.96 2.50 -3.56
C ALA B 294 8.90 4.01 -3.83
N ALA B 295 7.75 4.60 -3.53
CA ALA B 295 7.56 6.04 -3.72
C ALA B 295 8.31 6.76 -2.62
N ILE B 296 8.21 6.23 -1.44
CA ILE B 296 8.88 6.81 -0.31
C ILE B 296 10.39 6.80 -0.60
N THR B 297 10.92 5.62 -0.83
CA THR B 297 12.39 5.39 -1.06
C THR B 297 12.99 6.01 -2.37
N THR B 298 12.17 6.56 -3.25
CA THR B 298 12.66 7.17 -4.54
C THR B 298 13.04 8.64 -4.26
N ALA B 299 12.26 9.15 -3.34
CA ALA B 299 12.36 10.48 -2.81
C ALA B 299 13.50 10.52 -1.82
N ARG B 300 13.42 9.64 -0.85
CA ARG B 300 14.45 9.56 0.20
C ARG B 300 15.85 9.41 -0.42
N ARG B 301 15.97 8.56 -1.41
CA ARG B 301 17.30 8.27 -2.04
C ARG B 301 17.77 9.19 -3.19
N ARG B 302 16.84 9.78 -3.93
CA ARG B 302 17.19 10.63 -5.13
C ARG B 302 17.32 12.15 -4.73
N PHE B 303 16.65 12.53 -3.65
CA PHE B 303 16.72 13.92 -3.07
C PHE B 303 16.93 13.77 -1.56
N PRO B 304 18.12 13.36 -1.14
CA PRO B 304 18.43 13.08 0.27
C PRO B 304 18.65 14.30 1.10
N ASP B 305 18.79 15.41 0.43
CA ASP B 305 19.10 16.67 1.09
C ASP B 305 17.84 17.55 1.31
N ASN B 306 16.66 16.98 1.09
CA ASN B 306 15.40 17.70 1.31
C ASN B 306 14.51 16.90 2.22
N PHE B 307 13.75 17.63 2.95
CA PHE B 307 12.79 17.10 3.91
C PHE B 307 11.74 16.28 3.14
N LEU B 308 11.73 15.01 3.45
CA LEU B 308 10.80 14.03 2.89
C LEU B 308 9.59 14.01 3.81
N HIS B 309 8.59 14.79 3.47
CA HIS B 309 7.35 14.88 4.27
C HIS B 309 6.46 13.70 3.90
N TYR B 310 6.32 12.76 4.83
CA TYR B 310 5.49 11.53 4.60
C TYR B 310 4.04 11.76 5.07
N HIS B 311 3.18 11.94 4.09
CA HIS B 311 1.73 12.13 4.32
C HIS B 311 1.09 10.75 4.29
N ARG B 312 0.28 10.44 5.30
CA ARG B 312 -0.35 9.10 5.34
C ARG B 312 -1.83 9.09 4.93
N ALA B 313 -2.19 9.86 3.92
CA ALA B 313 -3.59 9.81 3.47
C ALA B 313 -3.83 8.34 3.15
N GLY B 314 -4.98 7.91 3.60
CA GLY B 314 -5.43 6.52 3.55
C GLY B 314 -5.24 5.96 4.96
N HIS B 315 -4.31 5.03 5.00
CA HIS B 315 -3.86 4.27 6.19
C HIS B 315 -5.05 3.83 7.08
N GLY B 316 -5.89 4.79 7.46
CA GLY B 316 -7.09 4.59 8.33
C GLY B 316 -7.79 3.20 8.17
N ALA B 317 -7.58 2.58 7.02
CA ALA B 317 -8.16 1.25 6.69
C ALA B 317 -7.50 0.15 7.53
N VAL B 318 -6.22 0.02 7.29
CA VAL B 318 -5.33 -0.98 7.92
C VAL B 318 -4.83 -0.47 9.27
N THR B 319 -4.77 0.80 9.36
CA THR B 319 -4.32 1.43 10.57
C THR B 319 -5.46 1.60 11.55
N SER B 320 -6.69 1.51 11.06
CA SER B 320 -7.87 1.80 11.90
C SER B 320 -7.71 1.30 13.34
N PRO B 321 -8.22 2.10 14.25
CA PRO B 321 -8.22 1.87 15.68
C PRO B 321 -9.43 1.09 16.02
N GLN B 322 -10.09 0.72 14.93
CA GLN B 322 -11.33 -0.05 14.90
C GLN B 322 -11.18 -1.22 13.91
N SER B 323 -9.92 -1.43 13.53
CA SER B 323 -9.49 -2.52 12.65
C SER B 323 -8.81 -3.51 13.56
N LYS B 324 -9.00 -4.76 13.31
CA LYS B 324 -8.39 -5.75 14.15
C LYS B 324 -7.33 -6.51 13.30
N ARG B 325 -7.08 -5.89 12.13
CA ARG B 325 -6.09 -6.37 11.13
C ARG B 325 -5.10 -5.28 10.70
N GLY B 326 -3.96 -5.77 10.21
CA GLY B 326 -2.88 -4.91 9.70
C GLY B 326 -1.89 -4.58 10.80
N TYR B 327 -1.81 -3.30 11.08
CA TYR B 327 -0.93 -2.78 12.13
C TYR B 327 -1.52 -1.45 12.65
N THR B 328 -1.03 -1.06 13.79
CA THR B 328 -1.45 0.18 14.45
C THR B 328 -0.65 1.34 13.88
N ALA B 329 -0.98 2.53 14.37
CA ALA B 329 -0.32 3.76 13.90
C ALA B 329 1.12 3.82 14.43
N PHE B 330 1.31 3.23 15.59
CA PHE B 330 2.64 3.19 16.23
C PHE B 330 3.61 2.41 15.33
N VAL B 331 3.14 1.30 14.83
CA VAL B 331 3.96 0.47 13.96
C VAL B 331 4.07 1.15 12.58
N HIS B 332 3.02 1.83 12.13
CA HIS B 332 3.10 2.53 10.84
C HIS B 332 4.31 3.48 10.84
N CYS B 333 4.26 4.40 11.80
CA CYS B 333 5.26 5.48 12.01
C CYS B 333 6.63 4.99 12.54
N LYS B 334 6.66 3.84 13.21
CA LYS B 334 7.96 3.30 13.72
C LYS B 334 8.78 2.79 12.54
N MET B 335 7.99 2.36 11.59
CA MET B 335 8.44 1.79 10.33
C MET B 335 8.98 2.87 9.38
N ALA B 336 8.38 4.04 9.52
CA ALA B 336 8.66 5.24 8.68
C ALA B 336 10.03 5.86 8.95
N ARG B 337 10.45 5.82 10.20
CA ARG B 337 11.75 6.36 10.57
C ARG B 337 12.82 5.58 9.78
N LEU B 338 12.64 4.26 9.87
CA LEU B 338 13.50 3.24 9.21
C LEU B 338 13.56 3.49 7.70
N GLN B 339 12.37 3.59 7.11
CA GLN B 339 12.24 3.88 5.67
C GLN B 339 13.01 5.14 5.40
N GLY B 340 12.76 6.12 6.24
CA GLY B 340 13.49 7.38 6.17
C GLY B 340 12.63 8.62 5.91
N ALA B 341 11.41 8.67 6.39
CA ALA B 341 10.66 9.91 6.22
C ALA B 341 11.29 10.90 7.19
N SER B 342 11.29 12.15 6.80
CA SER B 342 11.87 13.21 7.62
C SER B 342 10.80 13.74 8.57
N GLY B 343 9.56 13.50 8.17
CA GLY B 343 8.38 13.91 8.91
C GLY B 343 7.19 13.02 8.55
N ILE B 344 6.30 12.87 9.51
CA ILE B 344 5.09 12.07 9.35
C ILE B 344 3.95 12.65 10.16
N HIS B 345 2.82 12.72 9.49
CA HIS B 345 1.59 13.16 10.11
C HIS B 345 1.39 12.14 11.27
N THR B 346 1.44 12.70 12.47
CA THR B 346 1.48 11.94 13.74
C THR B 346 0.11 11.85 14.54
N GLY B 347 -0.69 12.91 14.48
CA GLY B 347 -2.01 12.99 15.20
C GLY B 347 -2.11 14.37 15.88
N THR B 348 -3.13 14.57 16.70
CA THR B 348 -3.25 15.84 17.48
C THR B 348 -3.24 15.47 18.91
N MET B 349 -4.39 14.93 19.26
CA MET B 349 -4.65 14.41 20.57
C MET B 349 -3.38 13.62 20.94
N SER B 358 -1.56 5.24 23.63
CA SER B 358 -0.10 5.02 23.56
C SER B 358 0.28 4.95 22.14
N SER B 359 -0.62 5.54 21.43
CA SER B 359 -0.47 5.75 20.06
C SER B 359 0.64 6.82 19.99
N ASP B 360 0.20 8.08 19.97
CA ASP B 360 1.08 9.28 19.83
C ASP B 360 2.01 9.64 21.02
N ARG B 361 1.52 9.72 22.24
CA ARG B 361 2.45 10.10 23.32
C ARG B 361 3.68 9.20 23.21
N ALA B 362 3.41 7.93 23.03
CA ALA B 362 4.46 6.92 22.88
C ALA B 362 5.14 7.07 21.50
N ILE B 363 4.31 7.30 20.49
CA ILE B 363 4.77 7.45 19.08
C ILE B 363 5.82 8.57 18.95
N ALA B 364 5.47 9.70 19.55
CA ALA B 364 6.27 10.96 19.55
C ALA B 364 7.69 10.72 20.07
N TYR B 365 7.75 10.01 21.17
CA TYR B 365 9.02 9.69 21.81
C TYR B 365 9.78 8.66 20.92
N MET B 366 9.03 7.71 20.34
CA MET B 366 9.62 6.66 19.45
C MET B 366 10.24 7.28 18.21
N LEU B 367 9.47 8.18 17.64
CA LEU B 367 9.82 8.90 16.40
C LEU B 367 11.00 9.89 16.55
N THR B 368 11.31 10.30 17.78
CA THR B 368 12.35 11.34 17.96
C THR B 368 13.47 10.97 18.93
N GLN B 369 13.22 10.09 19.84
CA GLN B 369 14.28 9.71 20.79
C GLN B 369 15.18 8.69 20.14
N ASP B 370 16.30 8.48 20.81
CA ASP B 370 17.33 7.51 20.40
C ASP B 370 17.16 6.23 21.18
N GLU B 371 16.26 6.34 22.11
CA GLU B 371 15.89 5.25 22.99
C GLU B 371 14.50 5.48 23.51
N ALA B 372 13.61 4.78 22.87
CA ALA B 372 12.20 4.87 23.18
C ALA B 372 11.66 3.49 23.56
N GLN B 373 10.56 3.55 24.29
CA GLN B 373 9.85 2.37 24.79
C GLN B 373 8.49 2.33 24.10
N GLY B 374 8.25 1.20 23.54
CA GLY B 374 7.03 0.91 22.81
C GLY B 374 6.11 0.05 23.66
N PRO B 375 4.91 -0.22 23.19
CA PRO B 375 3.91 -1.01 23.91
C PRO B 375 4.44 -2.35 24.39
N PHE B 376 5.47 -2.92 23.77
CA PHE B 376 6.03 -4.21 24.26
C PHE B 376 7.57 -4.18 24.30
N TYR B 377 8.16 -3.66 23.23
CA TYR B 377 9.63 -3.61 23.10
C TYR B 377 10.25 -2.22 23.24
N ARG B 378 11.42 -2.25 23.82
CA ARG B 378 12.23 -1.06 24.01
C ARG B 378 13.16 -1.03 22.80
N GLN B 379 13.09 0.04 22.07
CA GLN B 379 13.94 0.20 20.91
C GLN B 379 15.03 1.20 21.31
N SER B 380 16.12 0.98 20.66
CA SER B 380 17.37 1.75 20.71
C SER B 380 17.60 2.04 19.25
N TRP B 381 17.94 3.26 18.86
CA TRP B 381 18.06 3.54 17.40
C TRP B 381 19.50 3.88 16.91
N GLY B 382 20.44 3.66 17.80
CA GLY B 382 21.89 3.83 17.57
C GLY B 382 22.30 5.07 16.75
N GLY B 383 21.65 6.17 17.03
CA GLY B 383 21.97 7.45 16.38
C GLY B 383 21.27 7.64 15.03
N MET B 384 20.27 6.85 14.74
CA MET B 384 19.55 7.03 13.48
C MET B 384 18.65 8.27 13.67
N LYS B 385 18.85 9.21 12.76
CA LYS B 385 18.15 10.51 12.78
C LYS B 385 16.65 10.34 13.10
N ALA B 386 16.08 11.38 13.67
CA ALA B 386 14.67 11.37 14.08
C ALA B 386 13.73 11.74 12.91
N CYS B 387 12.48 11.46 13.20
CA CYS B 387 11.33 11.70 12.34
C CYS B 387 10.37 12.56 13.20
N THR B 388 10.25 13.77 12.77
CA THR B 388 9.47 14.83 13.41
C THR B 388 7.99 14.57 13.37
N PRO B 389 7.23 14.68 14.46
CA PRO B 389 5.83 14.54 14.36
C PRO B 389 5.39 15.78 13.63
N ILE B 390 4.31 15.62 12.94
CA ILE B 390 3.62 16.70 12.21
C ILE B 390 2.21 16.68 12.74
N ILE B 391 1.93 17.54 13.69
CA ILE B 391 0.59 17.58 14.31
C ILE B 391 -0.35 18.37 13.41
N SER B 392 -1.55 17.92 13.27
CA SER B 392 -2.52 18.61 12.43
C SER B 392 -3.77 18.81 13.31
N GLY B 393 -4.89 19.28 12.75
CA GLY B 393 -6.11 19.43 13.59
C GLY B 393 -6.41 20.91 13.85
N GLY B 394 -7.27 21.15 14.85
CA GLY B 394 -7.69 22.53 15.18
C GLY B 394 -7.10 23.01 16.50
N MET B 395 -5.80 23.20 16.52
CA MET B 395 -5.13 23.61 17.75
C MET B 395 -4.93 25.12 17.89
N ASN B 396 -5.89 25.82 18.48
CA ASN B 396 -5.69 27.27 18.64
C ASN B 396 -4.50 27.50 19.58
N ALA B 397 -4.25 28.75 19.82
CA ALA B 397 -3.11 29.18 20.61
C ALA B 397 -3.30 29.00 22.10
N LEU B 398 -4.47 28.59 22.51
CA LEU B 398 -4.72 28.43 23.93
C LEU B 398 -4.27 27.04 24.37
N ARG B 399 -4.50 26.09 23.50
CA ARG B 399 -4.14 24.69 23.73
C ARG B 399 -2.64 24.43 23.54
N MET B 400 -2.03 25.27 22.76
CA MET B 400 -0.61 25.11 22.47
C MET B 400 0.11 24.81 23.79
N PRO B 401 0.24 25.80 24.73
CA PRO B 401 0.95 25.67 26.01
C PRO B 401 0.92 24.26 26.64
N GLY B 402 -0.27 23.72 26.94
CA GLY B 402 -0.40 22.36 27.60
C GLY B 402 0.23 21.22 26.76
N PHE B 403 -0.06 21.29 25.51
CA PHE B 403 0.43 20.35 24.53
C PHE B 403 1.96 20.28 24.64
N PHE B 404 2.60 21.44 24.63
CA PHE B 404 4.06 21.48 24.75
C PHE B 404 4.40 20.97 26.16
N GLU B 405 3.60 21.32 27.18
CA GLU B 405 3.90 20.81 28.53
C GLU B 405 3.82 19.25 28.54
N ASN B 406 2.77 18.62 27.94
CA ASN B 406 2.68 17.09 27.90
C ASN B 406 3.75 16.47 27.03
N LEU B 407 3.87 17.02 25.84
CA LEU B 407 4.83 16.53 24.84
C LEU B 407 6.26 16.76 25.42
N GLY B 408 6.57 17.97 25.91
CA GLY B 408 7.90 18.22 26.57
C GLY B 408 8.85 19.13 25.78
N ASN B 409 8.51 19.31 24.55
CA ASN B 409 9.27 20.16 23.64
C ASN B 409 8.24 20.76 22.71
N ALA B 410 8.69 21.53 21.78
CA ALA B 410 7.77 22.16 20.82
C ALA B 410 8.32 21.87 19.44
N ASN B 411 9.04 20.80 19.43
CA ASN B 411 9.76 20.29 18.27
C ASN B 411 8.92 19.39 17.34
N VAL B 412 8.01 20.05 16.64
CA VAL B 412 7.09 19.43 15.63
C VAL B 412 6.70 20.54 14.63
N ILE B 413 5.99 20.14 13.56
CA ILE B 413 5.45 21.09 12.55
C ILE B 413 3.98 21.00 12.73
N LEU B 414 3.35 22.14 12.76
CA LEU B 414 1.92 22.23 12.95
C LEU B 414 1.30 22.71 11.65
N THR B 415 0.35 21.93 11.25
CA THR B 415 -0.38 22.12 10.04
C THR B 415 -1.85 22.43 10.39
N ALA B 416 -2.09 23.67 10.84
CA ALA B 416 -3.27 24.33 11.36
C ALA B 416 -4.31 24.69 10.30
N GLY B 417 -5.52 24.73 10.80
CA GLY B 417 -6.70 25.06 9.97
C GLY B 417 -7.63 25.97 10.75
N GLY B 418 -7.93 25.48 11.91
CA GLY B 418 -8.78 26.12 12.91
C GLY B 418 -8.00 26.34 14.21
N GLY B 419 -6.90 26.96 13.97
CA GLY B 419 -5.97 27.36 15.04
C GLY B 419 -5.65 28.71 14.37
N ALA B 420 -5.68 28.61 13.05
CA ALA B 420 -5.35 29.70 12.15
C ALA B 420 -6.53 30.43 11.58
N PHE B 421 -7.21 29.78 10.65
CA PHE B 421 -8.43 30.24 9.91
C PHE B 421 -9.66 30.59 10.73
N GLY B 422 -9.66 30.27 12.00
CA GLY B 422 -10.59 30.45 13.08
C GLY B 422 -10.47 31.73 13.90
N HIS B 423 -9.30 32.34 13.82
CA HIS B 423 -9.12 33.62 14.59
C HIS B 423 -10.01 34.65 13.92
N ILE B 424 -10.64 35.32 14.85
CA ILE B 424 -11.60 36.40 14.71
C ILE B 424 -11.11 37.55 13.85
N ASP B 425 -9.83 37.72 13.73
CA ASP B 425 -9.08 38.72 13.00
C ASP B 425 -8.49 38.11 11.75
N GLY B 426 -8.87 36.94 11.33
CA GLY B 426 -8.34 36.29 10.14
C GLY B 426 -7.22 35.33 10.39
N PRO B 427 -6.82 34.59 9.38
CA PRO B 427 -5.76 33.59 9.45
C PRO B 427 -4.31 33.93 9.63
N VAL B 428 -3.83 35.07 9.22
CA VAL B 428 -2.46 35.62 9.34
C VAL B 428 -2.19 35.95 10.81
N ALA B 429 -3.26 36.53 11.34
CA ALA B 429 -3.39 36.94 12.72
C ALA B 429 -3.41 35.69 13.60
N GLY B 430 -3.98 34.66 13.07
CA GLY B 430 -4.15 33.33 13.65
C GLY B 430 -2.84 32.58 13.84
N ALA B 431 -2.00 32.60 12.82
CA ALA B 431 -0.72 31.96 12.70
C ALA B 431 0.34 32.68 13.48
N ARG B 432 0.03 33.91 13.77
CA ARG B 432 0.84 34.84 14.54
C ARG B 432 0.60 34.67 16.02
N SER B 433 -0.53 34.18 16.41
CA SER B 433 -1.09 33.83 17.67
C SER B 433 -0.49 32.54 18.19
N LEU B 434 -0.10 31.60 17.40
CA LEU B 434 0.50 30.28 17.54
C LEU B 434 1.96 30.54 17.78
N ARG B 435 2.59 31.33 16.97
CA ARG B 435 4.00 31.71 17.21
C ARG B 435 4.03 32.25 18.63
N GLN B 436 3.38 33.33 18.87
CA GLN B 436 3.23 34.02 20.13
C GLN B 436 2.94 33.06 21.24
N ALA B 437 2.05 32.11 21.21
CA ALA B 437 1.78 31.14 22.27
C ALA B 437 2.99 30.27 22.58
N TRP B 438 3.75 30.00 21.54
CA TRP B 438 4.93 29.22 21.46
C TRP B 438 6.04 29.93 22.21
N GLN B 439 6.32 31.17 21.87
CA GLN B 439 7.35 32.06 22.44
C GLN B 439 7.11 32.35 23.92
N ALA B 440 5.87 32.34 24.29
CA ALA B 440 5.38 32.52 25.63
C ALA B 440 5.90 31.30 26.40
N TRP B 441 5.42 30.14 26.03
CA TRP B 441 5.74 28.86 26.61
C TRP B 441 7.25 28.76 26.71
N ARG B 442 7.91 29.00 25.59
CA ARG B 442 9.36 28.90 25.46
C ARG B 442 10.14 29.55 26.58
N ASP B 443 9.87 30.80 26.75
CA ASP B 443 10.40 31.79 27.64
C ASP B 443 10.02 31.69 29.09
N GLY B 444 8.92 31.09 29.44
CA GLY B 444 8.55 30.95 30.85
C GLY B 444 7.58 32.07 31.17
N VAL B 445 7.01 32.69 30.14
CA VAL B 445 6.05 33.80 30.37
C VAL B 445 4.73 33.06 30.30
N PRO B 446 3.86 33.45 31.20
CA PRO B 446 2.57 32.81 31.34
C PRO B 446 1.38 33.18 30.55
N VAL B 447 1.44 33.29 29.27
CA VAL B 447 0.34 33.54 28.32
C VAL B 447 -0.58 34.67 28.63
N LEU B 448 -1.14 34.88 29.79
CA LEU B 448 -2.04 36.00 30.06
C LEU B 448 -1.15 37.24 30.10
N ASP B 449 0.05 36.97 30.51
CA ASP B 449 1.14 37.93 30.61
C ASP B 449 1.66 38.30 29.20
N TYR B 450 2.00 37.21 28.53
CA TYR B 450 2.49 37.34 27.16
C TYR B 450 1.39 37.92 26.32
N ALA B 451 0.14 37.64 26.55
CA ALA B 451 -1.04 38.07 25.89
C ALA B 451 -1.37 39.54 26.03
N ARG B 452 -0.76 40.33 26.85
CA ARG B 452 -0.98 41.75 27.13
C ARG B 452 -0.20 42.72 26.26
N GLU B 453 1.01 42.31 25.95
CA GLU B 453 2.02 42.97 25.12
C GLU B 453 1.76 42.62 23.65
N HIS B 454 1.20 41.46 23.39
CA HIS B 454 0.83 40.84 22.10
C HIS B 454 -0.62 40.74 21.73
N LYS B 455 -1.06 41.42 20.66
CA LYS B 455 -2.46 41.44 20.30
C LYS B 455 -3.13 40.20 19.75
N GLU B 456 -2.46 39.48 18.90
CA GLU B 456 -2.90 38.26 18.25
C GLU B 456 -3.22 37.17 19.23
N LEU B 457 -2.45 37.17 20.30
CA LEU B 457 -2.56 36.31 21.46
C LEU B 457 -3.66 36.92 22.32
N ALA B 458 -3.76 38.20 22.59
CA ALA B 458 -4.84 38.78 23.39
C ALA B 458 -6.18 38.33 22.87
N ARG B 459 -6.30 38.36 21.58
CA ARG B 459 -7.40 38.02 20.68
C ARG B 459 -7.73 36.57 20.39
N ALA B 460 -6.91 35.62 20.67
CA ALA B 460 -7.07 34.17 20.50
C ALA B 460 -8.20 33.86 21.47
N PHE B 461 -7.91 34.19 22.68
CA PHE B 461 -8.73 34.10 23.87
C PHE B 461 -10.09 34.65 23.47
N GLU B 462 -10.11 35.75 22.77
CA GLU B 462 -11.36 36.31 22.32
C GLU B 462 -11.87 35.43 21.20
N SER B 463 -11.12 34.91 20.27
CA SER B 463 -11.69 34.07 19.23
C SER B 463 -12.17 32.68 19.58
N PHE B 464 -11.67 32.03 20.60
CA PHE B 464 -12.05 30.69 21.07
C PHE B 464 -12.22 30.89 22.60
N PRO B 465 -13.40 31.36 23.00
CA PRO B 465 -13.70 31.65 24.40
C PRO B 465 -14.02 30.43 25.20
N GLY B 466 -14.36 29.39 24.48
CA GLY B 466 -14.70 28.08 25.04
C GLY B 466 -13.46 27.45 25.71
N ASP B 467 -12.37 27.59 24.96
CA ASP B 467 -11.05 27.12 25.34
C ASP B 467 -10.58 28.15 26.36
N ALA B 468 -10.88 29.43 26.12
CA ALA B 468 -10.41 30.47 27.07
C ALA B 468 -11.07 30.15 28.39
N ASP B 469 -12.38 30.32 28.43
CA ASP B 469 -13.22 30.02 29.61
C ASP B 469 -12.56 28.87 30.41
N GLN B 470 -12.55 27.74 29.75
CA GLN B 470 -12.06 26.43 30.14
C GLN B 470 -10.56 26.32 30.39
N ILE B 471 -9.71 26.95 29.57
CA ILE B 471 -8.26 26.78 29.89
C ILE B 471 -7.76 28.01 30.63
N TYR B 472 -8.13 29.22 30.26
CA TYR B 472 -7.64 30.35 31.08
C TYR B 472 -8.67 31.12 31.87
N PRO B 473 -8.94 30.68 33.10
CA PRO B 473 -9.92 31.35 33.99
C PRO B 473 -9.46 32.76 34.37
N GLY B 474 -10.25 33.83 34.32
CA GLY B 474 -9.76 35.16 34.72
C GLY B 474 -9.25 36.05 33.60
N TRP B 475 -9.22 35.38 32.47
CA TRP B 475 -8.80 35.87 31.15
C TRP B 475 -9.52 37.16 30.86
N ARG B 476 -10.84 37.17 30.88
CA ARG B 476 -11.63 38.37 30.61
C ARG B 476 -11.10 39.57 31.40
N LYS B 477 -10.99 39.22 32.65
CA LYS B 477 -10.55 40.07 33.76
C LYS B 477 -9.12 40.59 33.58
N ALA B 478 -8.23 39.59 33.68
CA ALA B 478 -6.78 39.81 33.51
C ALA B 478 -6.34 40.54 32.24
N LEU B 479 -6.95 40.10 31.15
CA LEU B 479 -6.70 40.70 29.82
C LEU B 479 -7.26 42.12 29.91
N GLY B 480 -8.47 42.15 30.51
CA GLY B 480 -9.18 43.42 30.62
C GLY B 480 -9.78 43.73 29.25
N VAL B 481 -11.04 43.78 29.31
CA VAL B 481 -12.02 44.04 28.26
C VAL B 481 -12.87 42.78 28.17
#